data_6M3Q
#
_entry.id   6M3Q
#
_cell.length_a   70.900
_cell.length_b   110.485
_cell.length_c   131.675
_cell.angle_alpha   90.000
_cell.angle_beta   90.000
_cell.angle_gamma   90.000
#
_symmetry.space_group_name_H-M   'P 21 21 21'
#
loop_
_entity.id
_entity.type
_entity.pdbx_description
1 polymer Ankyrin-2
2 polymer 'Spectrin beta chain'
#
loop_
_entity_poly.entity_id
_entity_poly.type
_entity_poly.pdbx_seq_one_letter_code
_entity_poly.pdbx_strand_id
1 'polypeptide(L)'
;TENLDNVALSSSPIHSGFLVSFMVDARGGAMRGCRHNGLRIIIPPRKCTAPTRVTCRLVKRHRLATMPPMVEGEGLASRL
IEVGPSGAQFLGPVIVEIPHFAALRGKERELVVLRSENGDSWKEHFCDYTEDELNEILNGMDEVLDSPEDLEKKRICRII
TRDFPQYFAVVSRIKQDSNLIGPEGGVLSSTVVPQVQAVFPEGALTKRIRVGLQAQPMHSELVKKILGNKATFSPIVTLE
PRRRKFHKPITMTIPVPKASSDVMLNGFGGDAPTLRLLCSITGGTTPAQWEDITGTTPLTFVNECVSFTTNVSARFWLID
CRQIQESVTFASQVYREIICVPYMAKFVVFAKSHDPIEARLRCFCMTDDKVDKTLEQQENFAEVARSRDVEVLEGKPIYV
DCFGNLVPLTKSGQHHIFSFFAFKENRLPLFVKVRDTTQEPCGRLSFMKEPKSTRGLVHQAICNLNITLPIYTKE
;
E
2 'polypeptide(L)'
;AFQVEQYYFDVAEVEAWLGEQELLMMSEDKGKDEQSTLQLLKKHLQLEQGVENYEESIAQLSRQCRALLEMGHPDSEQIS
RRQSQVDRLYVALKELGEERRVSLEQQYWLYQLSRQVDELEHWIAEKEVVAGSPELGQDFEHVSVLQEKFSEFASETGTA
GRERLAAVNQMVDELIECGHTAAATMAEWKDGLNEAWAELLELMGTRAQLLAASRELHKFFSDARELQGQIEEKRRRLPR
LTAPPEPRPSASSMQRTLRAFEHDLQLLVSQVRQLQEGAAQLRTVYAGEHAEAIASREQEVLQGWKELLAACEDARLHVS
ST
;
F
#
# COMPACT_ATOMS: atom_id res chain seq x y z
N LEU A 4 37.98 7.18 -0.60
CA LEU A 4 39.12 7.59 -1.41
C LEU A 4 38.81 8.90 -2.14
N ASP A 5 39.86 9.68 -2.40
CA ASP A 5 39.72 10.95 -3.11
C ASP A 5 39.87 10.75 -4.62
N ASN A 6 38.91 10.03 -5.20
CA ASN A 6 38.94 9.74 -6.64
C ASN A 6 37.80 10.44 -7.37
N VAL A 7 38.10 11.01 -8.54
CA VAL A 7 37.10 11.76 -9.30
C VAL A 7 35.90 10.88 -9.56
N ALA A 8 34.71 11.46 -9.48
CA ALA A 8 33.50 10.68 -9.69
C ALA A 8 33.55 10.09 -11.09
N LEU A 9 33.38 8.77 -11.16
CA LEU A 9 33.56 8.04 -12.41
C LEU A 9 32.52 8.42 -13.47
N SER A 10 31.27 8.63 -13.05
CA SER A 10 30.18 8.94 -13.98
C SER A 10 29.93 7.75 -14.91
N SER A 11 30.40 6.58 -14.47
CA SER A 11 30.23 5.30 -15.16
C SER A 11 30.14 4.19 -14.13
N SER A 12 29.83 4.53 -12.89
CA SER A 12 29.72 3.76 -11.67
C SER A 12 28.26 3.75 -11.20
N PRO A 13 27.83 2.71 -10.49
CA PRO A 13 26.42 2.60 -10.11
C PRO A 13 25.82 3.88 -9.54
N ILE A 14 24.50 3.98 -9.70
CA ILE A 14 23.70 5.12 -9.25
C ILE A 14 23.11 4.80 -7.89
N HIS A 15 23.32 5.68 -6.93
CA HIS A 15 22.75 5.55 -5.59
C HIS A 15 21.65 6.58 -5.47
N SER A 16 20.42 6.13 -5.30
CA SER A 16 19.34 7.11 -5.23
C SER A 16 18.08 6.46 -4.70
N GLY A 17 17.05 7.28 -4.53
CA GLY A 17 15.77 6.84 -4.04
C GLY A 17 14.72 7.17 -5.08
N PHE A 18 13.61 6.43 -5.07
CA PHE A 18 12.54 6.63 -6.03
C PHE A 18 11.20 6.53 -5.34
N LEU A 19 10.16 7.01 -6.01
CA LEU A 19 8.81 6.92 -5.48
C LEU A 19 8.07 5.72 -6.05
N VAL A 20 8.05 5.58 -7.38
CA VAL A 20 7.37 4.46 -8.03
C VAL A 20 8.15 4.00 -9.25
N SER A 21 8.97 4.87 -9.84
CA SER A 21 9.69 4.51 -11.04
C SER A 21 11.01 5.29 -11.11
N PHE A 22 11.96 4.73 -11.84
CA PHE A 22 13.26 5.36 -11.98
C PHE A 22 13.91 4.92 -13.29
N MET A 23 15.05 5.51 -13.59
CA MET A 23 15.81 5.27 -14.80
C MET A 23 17.06 4.46 -14.48
N VAL A 24 17.32 3.42 -15.27
CA VAL A 24 18.53 2.63 -15.05
C VAL A 24 19.21 2.33 -16.38
N ASP A 25 20.53 2.21 -16.32
CA ASP A 25 21.35 1.88 -17.47
C ASP A 25 22.33 0.80 -17.04
N ALA A 26 22.88 0.08 -18.01
CA ALA A 26 23.81 -1.03 -17.74
C ALA A 26 24.85 -0.69 -16.67
N ARG A 27 25.00 0.59 -16.35
CA ARG A 27 25.92 1.03 -15.31
C ARG A 27 25.58 0.41 -13.96
N GLY A 28 24.32 0.08 -13.72
CA GLY A 28 23.94 -0.55 -12.47
C GLY A 28 23.47 0.48 -11.46
N GLY A 29 22.54 0.06 -10.59
CA GLY A 29 22.05 1.00 -9.61
C GLY A 29 21.40 0.38 -8.39
N ALA A 30 21.37 1.18 -7.33
CA ALA A 30 20.74 0.85 -6.06
C ALA A 30 19.72 1.94 -5.74
N MET A 31 18.45 1.58 -5.80
CA MET A 31 17.35 2.52 -5.71
C MET A 31 16.48 2.19 -4.50
N ARG A 32 16.74 2.89 -3.40
CA ARG A 32 15.97 2.77 -2.19
C ARG A 32 14.71 3.60 -2.32
N GLY A 33 13.72 3.34 -1.48
CA GLY A 33 12.49 4.11 -1.61
C GLY A 33 12.19 4.90 -0.36
N CYS A 34 11.90 6.19 -0.55
CA CYS A 34 11.61 7.07 0.58
C CYS A 34 10.26 6.75 1.23
N ARG A 35 9.26 6.38 0.44
CA ARG A 35 7.92 6.17 1.00
C ARG A 35 7.91 5.07 2.06
N HIS A 36 8.57 3.95 1.79
CA HIS A 36 8.58 2.82 2.72
C HIS A 36 9.98 2.31 2.94
N ASN A 37 10.42 2.31 4.20
CA ASN A 37 11.77 1.89 4.54
C ASN A 37 11.96 0.41 4.26
N GLY A 38 13.12 0.06 3.72
CA GLY A 38 13.47 -1.30 3.38
C GLY A 38 13.08 -1.73 1.99
N LEU A 39 12.40 -0.89 1.22
CA LEU A 39 12.03 -1.20 -0.14
C LEU A 39 13.23 -0.78 -0.98
N ARG A 40 13.84 -1.73 -1.68
CA ARG A 40 15.05 -1.40 -2.43
C ARG A 40 15.19 -2.26 -3.67
N ILE A 41 15.68 -1.67 -4.75
CA ILE A 41 16.01 -2.42 -5.96
C ILE A 41 17.51 -2.35 -6.17
N ILE A 42 18.11 -3.49 -6.51
CA ILE A 42 19.55 -3.61 -6.72
C ILE A 42 19.79 -4.27 -8.08
N ILE A 43 19.94 -3.44 -9.11
CA ILE A 43 20.30 -3.91 -10.44
C ILE A 43 21.82 -3.90 -10.53
N PRO A 44 22.47 -5.00 -10.84
CA PRO A 44 23.94 -5.02 -10.83
C PRO A 44 24.50 -4.39 -12.09
N PRO A 45 25.81 -4.11 -12.11
CA PRO A 45 26.42 -3.50 -13.30
C PRO A 45 26.54 -4.52 -14.43
N ARG A 46 26.20 -4.06 -15.64
CA ARG A 46 26.31 -4.83 -16.87
C ARG A 46 25.26 -5.92 -16.97
N LYS A 47 24.23 -5.90 -16.11
CA LYS A 47 23.18 -6.90 -16.15
C LYS A 47 21.87 -6.34 -16.72
N CYS A 48 21.92 -5.16 -17.32
CA CYS A 48 20.75 -4.57 -17.96
C CYS A 48 21.17 -4.20 -19.38
N THR A 49 20.41 -4.68 -20.38
CA THR A 49 20.82 -4.51 -21.77
C THR A 49 20.89 -3.04 -22.21
N ALA A 50 20.04 -2.18 -21.68
CA ALA A 50 19.92 -0.83 -22.21
C ALA A 50 19.22 0.04 -21.18
N PRO A 51 19.27 1.36 -21.33
CA PRO A 51 18.55 2.23 -20.38
C PRO A 51 17.05 1.99 -20.45
N THR A 52 16.46 1.66 -19.30
CA THR A 52 15.05 1.34 -19.20
C THR A 52 14.47 1.95 -17.93
N ARG A 53 13.18 2.28 -18.01
CA ARG A 53 12.42 2.84 -16.90
C ARG A 53 11.86 1.67 -16.10
N VAL A 54 12.30 1.53 -14.87
CA VAL A 54 11.85 0.43 -14.01
C VAL A 54 10.80 0.98 -13.06
N THR A 55 9.82 0.14 -12.74
CA THR A 55 8.73 0.53 -11.87
C THR A 55 8.59 -0.51 -10.77
N CYS A 56 8.33 -0.04 -9.55
CA CYS A 56 8.14 -0.93 -8.41
C CYS A 56 7.21 -0.21 -7.42
N ARG A 57 5.92 -0.34 -7.66
CA ARG A 57 4.89 0.32 -6.88
C ARG A 57 4.01 -0.70 -6.17
N LEU A 58 3.70 -0.42 -4.91
CA LEU A 58 2.76 -1.28 -4.18
C LEU A 58 1.34 -0.89 -4.60
N VAL A 59 0.58 -1.87 -5.07
CA VAL A 59 -0.77 -1.64 -5.57
C VAL A 59 -1.70 -1.61 -4.36
N LYS A 60 -1.98 -0.40 -3.88
CA LYS A 60 -2.85 -0.17 -2.75
C LYS A 60 -4.05 0.69 -3.14
N ALA A 65 -4.38 -6.14 -8.93
CA ALA A 65 -5.19 -6.97 -9.80
C ALA A 65 -5.93 -8.03 -8.99
N THR A 66 -6.24 -9.16 -9.61
CA THR A 66 -6.94 -10.23 -8.91
C THR A 66 -6.09 -10.78 -7.78
N MET A 67 -6.68 -10.92 -6.61
CA MET A 67 -5.96 -11.43 -5.46
C MET A 67 -5.49 -12.86 -5.72
N PRO A 68 -4.27 -13.21 -5.32
CA PRO A 68 -3.80 -14.57 -5.52
C PRO A 68 -4.61 -15.52 -4.66
N PRO A 69 -4.92 -16.72 -5.16
CA PRO A 69 -5.72 -17.64 -4.34
C PRO A 69 -5.01 -17.92 -3.02
N MET A 70 -5.77 -17.89 -1.94
CA MET A 70 -5.21 -18.18 -0.62
C MET A 70 -6.13 -19.08 0.16
N VAL A 71 -5.58 -20.19 0.65
CA VAL A 71 -6.31 -21.17 1.44
C VAL A 71 -6.48 -20.60 2.84
N GLU A 72 -7.20 -21.30 3.71
CA GLU A 72 -7.34 -20.82 5.07
C GLU A 72 -5.98 -20.85 5.74
N GLY A 73 -5.77 -19.95 6.69
CA GLY A 73 -4.50 -19.91 7.37
C GLY A 73 -3.41 -19.14 6.64
N GLU A 74 -3.72 -18.53 5.49
CA GLU A 74 -2.74 -17.78 4.72
C GLU A 74 -3.24 -16.37 4.45
N GLY A 75 -2.31 -15.44 4.36
CA GLY A 75 -2.60 -14.04 4.10
C GLY A 75 -1.36 -13.38 3.57
N LEU A 76 -1.56 -12.24 2.92
CA LEU A 76 -0.42 -11.53 2.34
C LEU A 76 0.44 -10.92 3.44
N ALA A 77 1.75 -10.95 3.23
CA ALA A 77 2.69 -10.30 4.14
C ALA A 77 2.89 -8.84 3.81
N SER A 78 2.76 -8.49 2.52
CA SER A 78 2.90 -7.11 2.07
C SER A 78 1.90 -6.87 0.95
N ARG A 79 1.59 -5.59 0.74
CA ARG A 79 0.80 -5.18 -0.40
C ARG A 79 1.42 -5.70 -1.69
N LEU A 80 0.59 -5.88 -2.71
CA LEU A 80 1.07 -6.46 -3.97
C LEU A 80 2.12 -5.56 -4.60
N ILE A 81 3.17 -6.19 -5.14
CA ILE A 81 4.29 -5.47 -5.73
C ILE A 81 4.10 -5.49 -7.24
N GLU A 82 4.20 -4.32 -7.87
CA GLU A 82 4.04 -4.17 -9.31
C GLU A 82 5.37 -3.66 -9.83
N VAL A 83 5.97 -4.39 -10.76
CA VAL A 83 7.26 -4.01 -11.30
C VAL A 83 7.22 -4.07 -12.82
N GLY A 84 8.00 -3.20 -13.44
CA GLY A 84 8.05 -3.16 -14.88
C GLY A 84 9.36 -2.62 -15.44
N PRO A 85 9.57 -2.77 -16.76
CA PRO A 85 8.65 -3.34 -17.76
C PRO A 85 8.27 -4.79 -17.48
N SER A 86 7.03 -5.14 -17.84
CA SER A 86 6.49 -6.46 -17.51
C SER A 86 7.33 -7.59 -18.09
N GLY A 87 7.84 -7.43 -19.30
CA GLY A 87 8.60 -8.50 -19.91
C GLY A 87 10.11 -8.37 -19.72
N ALA A 88 10.54 -7.55 -18.78
CA ALA A 88 11.96 -7.27 -18.61
C ALA A 88 12.77 -8.55 -18.44
N GLN A 89 13.89 -8.60 -19.16
CA GLN A 89 14.84 -9.71 -19.10
C GLN A 89 16.22 -9.15 -18.84
N PHE A 90 16.94 -9.75 -17.89
CA PHE A 90 18.27 -9.31 -17.53
C PHE A 90 19.26 -10.45 -17.72
N LEU A 91 20.51 -10.10 -18.05
CA LEU A 91 21.51 -11.15 -18.21
C LEU A 91 21.74 -11.87 -16.91
N GLY A 92 21.75 -11.14 -15.80
CA GLY A 92 22.00 -11.72 -14.51
C GLY A 92 20.85 -11.44 -13.56
N PRO A 93 20.75 -12.21 -12.48
CA PRO A 93 19.70 -11.98 -11.49
C PRO A 93 19.85 -10.61 -10.86
N VAL A 94 18.71 -10.04 -10.48
CA VAL A 94 18.63 -8.72 -9.84
C VAL A 94 17.85 -8.91 -8.54
N ILE A 95 18.03 -7.97 -7.61
CA ILE A 95 17.45 -8.10 -6.29
C ILE A 95 16.37 -7.06 -6.06
N VAL A 96 15.27 -7.50 -5.45
CA VAL A 96 14.15 -6.67 -5.04
C VAL A 96 13.87 -6.98 -3.57
N GLU A 97 13.87 -5.96 -2.73
CA GLU A 97 13.63 -6.16 -1.30
C GLU A 97 12.38 -5.40 -0.89
N ILE A 98 11.46 -6.11 -0.25
CA ILE A 98 10.18 -5.56 0.19
C ILE A 98 10.03 -5.77 1.69
N PRO A 99 9.59 -4.78 2.44
CA PRO A 99 9.26 -5.01 3.85
C PRO A 99 7.88 -5.63 3.98
N HIS A 100 7.68 -6.39 5.06
CA HIS A 100 6.42 -7.08 5.29
C HIS A 100 6.04 -6.99 6.76
N PHE A 101 4.88 -7.57 7.09
CA PHE A 101 4.27 -7.43 8.40
C PHE A 101 3.78 -8.74 9.00
N ALA A 102 3.73 -9.81 8.22
CA ALA A 102 3.49 -11.15 8.73
C ALA A 102 4.40 -11.52 9.88
N ALA A 103 3.81 -11.97 10.98
CA ALA A 103 4.59 -12.46 12.11
C ALA A 103 4.97 -13.90 11.80
N LEU A 104 6.26 -14.13 11.56
CA LEU A 104 6.74 -15.46 11.21
C LEU A 104 6.75 -16.44 12.39
N ARG A 105 6.63 -15.96 13.62
CA ARG A 105 6.59 -16.81 14.80
C ARG A 105 7.75 -17.83 14.79
N GLY A 106 8.96 -17.29 14.80
CA GLY A 106 10.12 -18.17 14.79
C GLY A 106 10.11 -18.94 13.48
N LYS A 107 10.14 -20.27 13.56
CA LYS A 107 10.13 -21.10 12.36
C LYS A 107 8.75 -21.72 12.12
N GLU A 108 7.76 -21.34 12.92
CA GLU A 108 6.40 -21.87 12.77
C GLU A 108 5.82 -21.51 11.41
N ARG A 109 6.11 -20.31 10.91
CA ARG A 109 5.57 -19.79 9.66
C ARG A 109 6.71 -19.38 8.73
N GLU A 110 6.37 -19.24 7.46
CA GLU A 110 7.32 -18.86 6.43
C GLU A 110 6.62 -18.00 5.39
N LEU A 111 7.41 -17.48 4.47
CA LEU A 111 6.92 -16.61 3.41
C LEU A 111 7.10 -17.29 2.06
N VAL A 112 6.18 -17.01 1.15
CA VAL A 112 6.26 -17.55 -0.20
C VAL A 112 6.09 -16.38 -1.16
N VAL A 113 6.63 -16.52 -2.36
CA VAL A 113 6.59 -15.46 -3.36
C VAL A 113 5.86 -15.97 -4.58
N LEU A 114 4.88 -15.18 -5.02
CA LEU A 114 4.05 -15.51 -6.17
C LEU A 114 4.24 -14.41 -7.20
N ARG A 115 3.96 -14.73 -8.46
CA ARG A 115 4.14 -13.75 -9.51
C ARG A 115 3.09 -13.99 -10.58
N SER A 116 2.57 -12.89 -11.13
CA SER A 116 1.56 -12.98 -12.18
C SER A 116 2.02 -12.13 -13.36
N GLU A 117 2.20 -12.78 -14.52
CA GLU A 117 2.61 -12.06 -15.72
C GLU A 117 1.54 -11.13 -16.25
N ASN A 118 0.28 -11.61 -16.31
CA ASN A 118 -0.83 -10.82 -16.82
C ASN A 118 -1.68 -10.15 -15.74
N GLY A 119 -1.59 -10.59 -14.49
CA GLY A 119 -2.38 -10.06 -13.41
C GLY A 119 -3.60 -10.86 -13.04
N ASP A 120 -3.88 -12.00 -13.72
CA ASP A 120 -5.02 -12.82 -13.35
C ASP A 120 -4.66 -14.23 -12.90
N SER A 121 -3.46 -14.72 -13.21
CA SER A 121 -3.02 -16.06 -12.83
C SER A 121 -1.72 -15.96 -12.06
N TRP A 122 -1.64 -16.66 -10.94
CA TRP A 122 -0.47 -16.62 -10.07
C TRP A 122 0.21 -17.97 -9.99
N LYS A 123 1.54 -17.93 -10.04
CA LYS A 123 2.38 -19.12 -9.97
C LYS A 123 3.50 -18.86 -8.97
N GLU A 124 3.96 -19.93 -8.32
CA GLU A 124 5.03 -19.77 -7.34
C GLU A 124 6.28 -19.27 -8.05
N HIS A 125 7.07 -18.47 -7.36
CA HIS A 125 8.29 -17.94 -7.95
C HIS A 125 9.52 -18.63 -7.35
N PHE A 126 10.26 -19.31 -8.21
CA PHE A 126 11.48 -20.02 -7.85
C PHE A 126 12.55 -19.52 -8.81
N CYS A 127 13.77 -19.36 -8.32
CA CYS A 127 14.84 -18.88 -9.18
C CYS A 127 15.99 -19.87 -9.19
N ASP A 128 16.48 -20.18 -10.39
CA ASP A 128 17.59 -21.11 -10.56
C ASP A 128 18.86 -20.32 -10.75
N TYR A 129 19.80 -20.46 -9.81
CA TYR A 129 21.06 -19.75 -9.90
C TYR A 129 22.12 -20.57 -9.19
N THR A 130 23.38 -20.16 -9.38
CA THR A 130 24.51 -20.86 -8.81
C THR A 130 24.88 -20.26 -7.46
N GLU A 131 25.41 -21.11 -6.57
CA GLU A 131 25.89 -20.62 -5.29
C GLU A 131 26.95 -19.55 -5.47
N ASP A 132 27.80 -19.72 -6.49
CA ASP A 132 28.79 -18.70 -6.82
C ASP A 132 28.10 -17.40 -7.25
N GLU A 133 26.99 -17.50 -7.98
CA GLU A 133 26.29 -16.32 -8.46
C GLU A 133 25.87 -15.41 -7.31
N LEU A 134 25.50 -15.98 -6.16
CA LEU A 134 25.05 -15.17 -5.03
C LEU A 134 26.10 -14.13 -4.65
N ASN A 135 27.36 -14.56 -4.53
CA ASN A 135 28.43 -13.59 -4.30
C ASN A 135 28.61 -12.70 -5.53
N GLU A 136 28.50 -13.30 -6.71
CA GLU A 136 28.65 -12.58 -7.98
C GLU A 136 27.57 -11.52 -8.15
N ILE A 137 26.37 -11.77 -7.61
CA ILE A 137 25.23 -10.90 -7.86
C ILE A 137 25.56 -9.45 -7.56
N LEU A 138 26.31 -9.20 -6.48
CA LEU A 138 26.70 -7.84 -6.16
C LEU A 138 27.61 -7.26 -7.24
N ASN A 139 28.49 -8.09 -7.80
CA ASN A 139 29.46 -7.70 -8.84
C ASN A 139 30.34 -6.59 -8.28
N GLY A 140 30.44 -5.43 -8.93
CA GLY A 140 31.25 -4.32 -8.49
C GLY A 140 30.58 -3.34 -7.56
N MET A 141 29.34 -3.58 -7.19
CA MET A 141 28.61 -2.68 -6.31
C MET A 141 29.23 -2.67 -4.92
N ASP A 142 29.08 -1.56 -4.22
CA ASP A 142 29.62 -1.41 -2.88
C ASP A 142 28.53 -1.64 -1.84
N GLU A 143 27.35 -2.05 -2.29
CA GLU A 143 26.24 -2.30 -1.39
C GLU A 143 26.57 -3.48 -0.49
N VAL A 144 25.87 -3.57 0.62
CA VAL A 144 26.06 -4.68 1.56
C VAL A 144 24.72 -5.37 1.70
N LEU A 145 24.75 -6.70 1.80
CA LEU A 145 23.53 -7.49 1.89
C LEU A 145 23.39 -7.96 3.32
N ASP A 146 22.18 -7.81 3.87
CA ASP A 146 21.96 -8.24 5.24
C ASP A 146 21.95 -9.76 5.32
N SER A 147 22.40 -10.29 6.46
CA SER A 147 22.46 -11.72 6.65
C SER A 147 21.02 -12.23 6.71
N PRO A 148 20.82 -13.55 6.59
CA PRO A 148 19.43 -14.03 6.66
C PRO A 148 18.78 -13.73 8.00
N GLU A 149 19.48 -13.94 9.10
CA GLU A 149 18.90 -13.64 10.40
C GLU A 149 18.60 -12.15 10.52
N ASP A 150 19.49 -11.31 10.00
CA ASP A 150 19.28 -9.86 10.03
C ASP A 150 18.18 -9.41 9.10
N LEU A 151 17.72 -10.27 8.19
CA LEU A 151 16.56 -9.99 7.35
C LEU A 151 15.27 -10.42 8.04
N GLU A 152 15.26 -11.64 8.58
CA GLU A 152 14.13 -12.07 9.39
C GLU A 152 13.87 -11.12 10.57
N LYS A 153 14.94 -10.50 11.09
CA LYS A 153 14.78 -9.54 12.19
C LYS A 153 14.13 -8.24 11.73
N LYS A 154 14.50 -7.74 10.55
CA LYS A 154 13.92 -6.51 10.03
C LYS A 154 12.61 -6.70 9.28
N ARG A 155 12.11 -7.93 9.20
CA ARG A 155 10.94 -8.27 8.39
C ARG A 155 11.10 -7.75 6.96
N ILE A 156 12.21 -8.12 6.33
CA ILE A 156 12.48 -7.80 4.93
C ILE A 156 12.54 -9.10 4.15
N CYS A 157 11.77 -9.16 3.06
CA CYS A 157 11.79 -10.29 2.14
C CYS A 157 12.59 -9.91 0.91
N ARG A 158 13.51 -10.77 0.51
CA ARG A 158 14.41 -10.53 -0.61
C ARG A 158 14.04 -11.48 -1.74
N ILE A 159 13.46 -10.92 -2.80
CA ILE A 159 13.17 -11.64 -4.03
C ILE A 159 14.35 -11.47 -4.97
N ILE A 160 14.97 -12.58 -5.35
CA ILE A 160 15.97 -12.58 -6.42
C ILE A 160 15.26 -13.04 -7.68
N THR A 161 15.46 -12.30 -8.77
CA THR A 161 14.79 -12.68 -10.01
C THR A 161 15.66 -12.30 -11.20
N ARG A 162 15.67 -13.17 -12.21
CA ARG A 162 16.41 -12.98 -13.44
C ARG A 162 15.53 -12.41 -14.55
N ASP A 163 14.25 -12.19 -14.25
CA ASP A 163 13.29 -11.66 -15.22
C ASP A 163 12.24 -10.92 -14.42
N PHE A 164 11.46 -10.13 -15.12
CA PHE A 164 10.46 -9.37 -14.39
C PHE A 164 9.05 -9.80 -14.74
N PRO A 165 8.15 -9.84 -13.76
CA PRO A 165 6.76 -10.15 -14.07
C PRO A 165 5.87 -8.96 -13.75
N GLN A 166 4.62 -8.95 -14.20
CA GLN A 166 3.77 -7.80 -13.90
C GLN A 166 3.55 -7.62 -12.40
N TYR A 167 3.43 -8.72 -11.66
CA TYR A 167 3.20 -8.60 -10.22
C TYR A 167 3.94 -9.66 -9.42
N PHE A 168 4.18 -9.30 -8.16
CA PHE A 168 4.74 -10.16 -7.12
C PHE A 168 3.80 -10.12 -5.93
N ALA A 169 3.87 -11.16 -5.11
CA ALA A 169 3.11 -11.17 -3.87
C ALA A 169 3.87 -11.96 -2.83
N VAL A 170 3.97 -11.41 -1.62
CA VAL A 170 4.58 -12.09 -0.50
C VAL A 170 3.47 -12.58 0.40
N VAL A 171 3.47 -13.88 0.71
CA VAL A 171 2.34 -14.54 1.33
C VAL A 171 2.81 -15.29 2.57
N SER A 172 2.22 -14.96 3.72
CA SER A 172 2.49 -15.65 4.97
C SER A 172 1.76 -16.99 4.97
N ARG A 173 2.47 -18.06 5.29
CA ARG A 173 1.82 -19.35 5.43
C ARG A 173 2.52 -20.16 6.51
N ILE A 174 1.91 -21.30 6.83
CA ILE A 174 2.50 -22.25 7.77
C ILE A 174 3.58 -23.02 7.04
N LYS A 175 4.72 -23.21 7.70
CA LYS A 175 5.87 -23.81 7.06
C LYS A 175 5.44 -25.09 6.34
N GLN A 176 5.92 -25.25 5.11
CA GLN A 176 5.60 -26.40 4.30
C GLN A 176 6.86 -27.04 3.78
N ASP A 177 6.94 -28.36 3.92
CA ASP A 177 8.07 -29.13 3.40
C ASP A 177 7.57 -29.85 2.15
N SER A 178 8.25 -29.66 1.03
CA SER A 178 7.80 -30.26 -0.21
C SER A 178 8.94 -31.02 -0.87
N ASN A 179 8.59 -32.19 -1.40
CA ASN A 179 9.56 -33.04 -2.07
C ASN A 179 8.82 -33.86 -3.11
N LEU A 180 9.44 -34.00 -4.28
CA LEU A 180 8.80 -34.76 -5.36
C LEU A 180 8.68 -36.22 -4.96
N ILE A 181 7.58 -36.85 -5.38
CA ILE A 181 7.33 -38.27 -5.12
C ILE A 181 6.57 -38.82 -6.32
N GLY A 182 6.95 -40.02 -6.72
CA GLY A 182 6.28 -40.72 -7.79
C GLY A 182 5.94 -42.14 -7.39
N PRO A 183 5.78 -43.01 -8.40
CA PRO A 183 5.39 -44.40 -8.11
C PRO A 183 6.31 -45.10 -7.10
N GLU A 184 7.63 -45.00 -7.31
CA GLU A 184 8.61 -45.67 -6.46
C GLU A 184 8.24 -45.68 -4.97
N GLY A 185 7.84 -44.54 -4.44
CA GLY A 185 7.70 -44.47 -2.99
C GLY A 185 8.29 -43.18 -2.47
N GLY A 186 8.24 -43.00 -1.16
CA GLY A 186 8.77 -41.76 -0.61
C GLY A 186 8.44 -41.54 0.84
N VAL A 187 9.17 -40.62 1.47
CA VAL A 187 8.89 -40.19 2.83
C VAL A 187 8.99 -38.67 2.85
N LEU A 188 8.14 -38.04 3.66
CA LEU A 188 8.07 -36.59 3.75
C LEU A 188 7.83 -36.22 5.22
N SER A 189 8.90 -35.86 5.90
CA SER A 189 8.86 -35.58 7.33
C SER A 189 8.78 -34.07 7.55
N SER A 190 8.53 -33.69 8.80
CA SER A 190 8.37 -32.29 9.16
C SER A 190 9.66 -31.76 9.76
N THR A 191 10.00 -30.51 9.42
CA THR A 191 11.14 -29.85 10.02
C THR A 191 10.78 -29.21 11.36
N VAL A 192 9.63 -28.52 11.42
CA VAL A 192 9.19 -27.91 12.66
C VAL A 192 8.92 -28.98 13.72
N VAL A 193 8.25 -30.06 13.35
CA VAL A 193 7.95 -31.13 14.30
C VAL A 193 8.46 -32.46 13.75
N PRO A 194 9.74 -32.79 13.99
CA PRO A 194 10.32 -34.00 13.38
C PRO A 194 9.50 -35.27 13.51
N GLN A 195 8.73 -35.42 14.59
CA GLN A 195 7.93 -36.63 14.73
C GLN A 195 6.76 -36.68 13.76
N VAL A 196 6.29 -35.53 13.27
CA VAL A 196 5.25 -35.53 12.25
C VAL A 196 5.87 -36.01 10.94
N GLN A 197 5.18 -36.91 10.26
CA GLN A 197 5.80 -37.62 9.16
C GLN A 197 4.73 -38.26 8.28
N ALA A 198 5.04 -38.42 7.01
CA ALA A 198 4.11 -39.04 6.07
C ALA A 198 4.91 -39.98 5.19
N VAL A 199 4.38 -41.17 4.97
CA VAL A 199 5.07 -42.17 4.16
C VAL A 199 4.19 -42.56 2.98
N PHE A 200 4.80 -42.60 1.79
CA PHE A 200 4.13 -42.96 0.56
C PHE A 200 4.64 -44.31 0.11
N PRO A 201 3.76 -45.30 0.00
CA PRO A 201 4.17 -46.67 -0.34
C PRO A 201 4.51 -46.82 -1.81
N GLU A 202 4.98 -48.01 -2.19
CA GLU A 202 5.37 -48.22 -3.58
C GLU A 202 4.10 -48.35 -4.41
N GLY A 203 3.88 -47.41 -5.32
CA GLY A 203 2.72 -47.45 -6.19
C GLY A 203 1.51 -46.69 -5.70
N ALA A 204 1.69 -45.62 -4.93
CA ALA A 204 0.55 -44.82 -4.50
C ALA A 204 0.21 -43.69 -5.45
N LEU A 205 1.16 -43.27 -6.29
CA LEU A 205 0.95 -42.20 -7.25
C LEU A 205 1.31 -42.69 -8.64
N THR A 206 0.67 -42.11 -9.64
CA THR A 206 0.97 -42.44 -11.04
C THR A 206 2.06 -41.53 -11.57
N LYS A 207 1.78 -40.24 -11.63
CA LYS A 207 2.74 -39.25 -12.07
C LYS A 207 3.58 -38.80 -10.88
N ARG A 208 4.59 -37.99 -11.14
CA ARG A 208 5.43 -37.46 -10.07
C ARG A 208 4.90 -36.09 -9.71
N ILE A 209 4.63 -35.89 -8.42
CA ILE A 209 4.07 -34.64 -7.93
C ILE A 209 4.97 -34.12 -6.82
N ARG A 210 4.90 -32.82 -6.58
CA ARG A 210 5.67 -32.19 -5.50
C ARG A 210 4.72 -32.19 -4.30
N VAL A 211 4.89 -33.17 -3.41
CA VAL A 211 4.02 -33.23 -2.25
C VAL A 211 4.51 -32.25 -1.19
N GLY A 212 3.57 -31.70 -0.43
CA GLY A 212 3.88 -30.76 0.62
C GLY A 212 3.23 -31.17 1.91
N LEU A 213 3.84 -30.76 3.01
CA LEU A 213 3.36 -31.07 4.35
C LEU A 213 3.51 -29.87 5.26
N GLN A 214 2.41 -29.44 5.88
CA GLN A 214 2.47 -28.40 6.90
C GLN A 214 2.23 -29.04 8.27
N ALA A 215 2.89 -28.48 9.28
CA ALA A 215 2.61 -28.80 10.67
C ALA A 215 2.51 -27.49 11.46
N GLN A 216 1.35 -27.25 12.05
CA GLN A 216 1.14 -26.06 12.87
C GLN A 216 1.04 -26.48 14.32
N PRO A 217 2.04 -26.23 15.15
CA PRO A 217 1.95 -26.64 16.56
C PRO A 217 1.04 -25.72 17.36
N MET A 218 0.65 -26.23 18.52
CA MET A 218 -0.28 -25.56 19.40
C MET A 218 0.45 -24.75 20.46
N HIS A 219 -0.15 -23.64 20.85
CA HIS A 219 0.36 -22.77 21.89
C HIS A 219 -0.61 -22.88 23.05
N SER A 220 -0.13 -23.36 24.20
CA SER A 220 -1.01 -23.62 25.33
C SER A 220 -1.67 -22.36 25.86
N GLU A 221 -1.10 -21.18 25.63
CA GLU A 221 -1.73 -19.97 26.13
C GLU A 221 -3.11 -19.78 25.50
N LEU A 222 -3.18 -19.90 24.17
CA LEU A 222 -4.44 -19.72 23.46
C LEU A 222 -5.40 -20.89 23.69
N VAL A 223 -4.90 -22.12 23.59
CA VAL A 223 -5.77 -23.29 23.77
C VAL A 223 -6.30 -23.32 25.18
N LYS A 224 -5.41 -23.17 26.17
CA LYS A 224 -5.85 -23.20 27.56
C LYS A 224 -6.80 -22.05 27.83
N LYS A 225 -6.55 -20.89 27.21
CA LYS A 225 -7.43 -19.74 27.43
C LYS A 225 -8.84 -20.01 26.92
N ILE A 226 -8.97 -20.59 25.72
CA ILE A 226 -10.30 -20.87 25.20
C ILE A 226 -10.98 -22.07 25.87
N LEU A 227 -10.23 -23.15 26.16
CA LEU A 227 -10.82 -24.35 26.74
C LEU A 227 -10.31 -24.77 28.12
N GLY A 228 -9.23 -24.19 28.63
CA GLY A 228 -8.74 -24.66 29.92
C GLY A 228 -8.25 -26.09 29.83
N ASN A 229 -8.69 -26.92 30.77
CA ASN A 229 -8.28 -28.32 30.81
C ASN A 229 -9.23 -29.23 30.03
N LYS A 230 -10.22 -28.66 29.36
CA LYS A 230 -11.23 -29.46 28.66
C LYS A 230 -10.60 -30.40 27.63
N ALA A 231 -9.57 -29.94 26.92
CA ALA A 231 -8.93 -30.79 25.93
C ALA A 231 -7.52 -30.32 25.64
N THR A 232 -6.70 -31.24 25.16
CA THR A 232 -5.32 -30.98 24.76
C THR A 232 -5.15 -31.49 23.34
N PHE A 233 -4.54 -30.68 22.49
CA PHE A 233 -4.39 -30.98 21.07
C PHE A 233 -2.94 -31.32 20.73
N SER A 234 -2.78 -31.86 19.53
CA SER A 234 -1.47 -32.08 18.92
C SER A 234 -1.36 -31.05 17.80
N PRO A 235 -0.29 -31.01 17.00
CA PRO A 235 -0.24 -30.04 15.91
C PRO A 235 -1.24 -30.40 14.83
N ILE A 236 -1.49 -29.46 13.94
CA ILE A 236 -2.31 -29.73 12.77
C ILE A 236 -1.39 -30.11 11.62
N VAL A 237 -1.58 -31.33 11.13
CA VAL A 237 -0.82 -31.85 10.00
C VAL A 237 -1.67 -31.71 8.75
N THR A 238 -1.11 -31.12 7.71
CA THR A 238 -1.81 -30.90 6.47
C THR A 238 -1.01 -31.44 5.29
N LEU A 239 -1.70 -32.14 4.40
CA LEU A 239 -1.12 -32.68 3.19
C LEU A 239 -1.68 -31.76 2.11
N GLU A 240 -0.81 -30.98 1.48
CA GLU A 240 -1.29 -29.91 0.61
C GLU A 240 -2.06 -30.35 -0.63
N PRO A 241 -1.71 -31.40 -1.36
CA PRO A 241 -2.57 -31.72 -2.50
C PRO A 241 -3.84 -32.36 -1.96
N ARG A 242 -4.70 -31.51 -1.42
CA ARG A 242 -5.95 -31.94 -0.80
C ARG A 242 -6.99 -32.32 -1.84
N ARG A 243 -7.93 -33.17 -1.40
CA ARG A 243 -9.00 -33.68 -2.24
C ARG A 243 -8.41 -34.56 -3.35
N ARG A 244 -7.47 -35.42 -2.98
CA ARG A 244 -6.86 -36.35 -3.93
C ARG A 244 -6.80 -37.74 -3.33
N LYS A 245 -7.49 -38.68 -3.96
CA LYS A 245 -7.43 -40.08 -3.57
C LYS A 245 -6.11 -40.69 -4.00
N PHE A 246 -5.49 -41.46 -3.10
CA PHE A 246 -4.24 -42.14 -3.38
C PHE A 246 -4.53 -43.60 -3.73
N HIS A 247 -3.79 -44.12 -4.71
CA HIS A 247 -4.00 -45.48 -5.18
C HIS A 247 -3.51 -46.53 -4.20
N LYS A 248 -2.93 -46.10 -3.09
CA LYS A 248 -2.42 -46.93 -2.03
C LYS A 248 -2.62 -46.12 -0.76
N PRO A 249 -2.22 -46.57 0.43
CA PRO A 249 -2.49 -45.76 1.61
C PRO A 249 -1.25 -45.13 2.23
N ILE A 250 -1.36 -43.83 2.51
CA ILE A 250 -0.27 -43.08 3.12
C ILE A 250 -0.23 -43.43 4.60
N THR A 251 0.96 -43.32 5.19
CA THR A 251 1.16 -43.66 6.61
C THR A 251 1.61 -42.41 7.36
N MET A 252 0.65 -41.75 8.00
CA MET A 252 0.91 -40.56 8.80
C MET A 252 1.34 -40.91 10.21
N THR A 253 2.27 -40.13 10.74
CA THR A 253 2.74 -40.22 12.11
C THR A 253 2.61 -38.82 12.71
N ILE A 254 2.05 -38.75 13.92
CA ILE A 254 1.81 -37.49 14.62
C ILE A 254 2.08 -37.69 16.11
N PRO A 255 2.87 -36.86 16.77
CA PRO A 255 3.10 -37.07 18.20
C PRO A 255 1.82 -36.79 18.99
N VAL A 256 1.62 -37.57 20.04
CA VAL A 256 0.38 -37.46 20.82
C VAL A 256 0.30 -36.12 21.52
N PRO A 257 -0.89 -35.67 21.92
CA PRO A 257 -1.01 -34.39 22.63
C PRO A 257 -0.55 -34.55 24.07
N LYS A 258 0.40 -33.74 24.49
CA LYS A 258 0.89 -33.81 25.85
C LYS A 258 -0.22 -33.44 26.81
N ALA A 259 -0.39 -34.25 27.86
CA ALA A 259 -1.44 -34.01 28.84
C ALA A 259 -0.89 -33.33 30.09
N PRO A 273 -11.01 -44.67 25.97
CA PRO A 273 -10.18 -44.18 24.87
C PRO A 273 -9.32 -42.96 25.23
N THR A 274 -9.95 -41.78 25.31
CA THR A 274 -9.47 -40.45 25.68
C THR A 274 -8.75 -39.76 24.52
N LEU A 275 -8.55 -40.43 23.39
CA LEU A 275 -7.85 -39.83 22.25
C LEU A 275 -8.70 -40.00 21.00
N ARG A 276 -9.06 -38.88 20.37
CA ARG A 276 -9.84 -38.88 19.16
C ARG A 276 -9.00 -38.32 18.02
N LEU A 277 -9.36 -38.72 16.80
CA LEU A 277 -8.73 -38.25 15.58
C LEU A 277 -9.75 -37.44 14.78
N LEU A 278 -9.31 -36.30 14.27
CA LEU A 278 -10.14 -35.39 13.51
C LEU A 278 -9.49 -35.13 12.16
N CYS A 279 -10.31 -35.05 11.12
CA CYS A 279 -9.80 -34.81 9.77
C CYS A 279 -10.75 -33.90 9.01
N SER A 280 -10.17 -33.03 8.18
CA SER A 280 -10.94 -32.09 7.36
C SER A 280 -10.52 -32.25 5.90
N ILE A 281 -11.41 -32.81 5.09
CA ILE A 281 -11.11 -33.08 3.69
C ILE A 281 -11.42 -31.91 2.75
N THR A 282 -11.80 -30.76 3.31
CA THR A 282 -12.13 -29.62 2.46
C THR A 282 -10.91 -29.16 1.66
N GLY A 283 -11.17 -28.50 0.53
CA GLY A 283 -10.11 -28.03 -0.34
C GLY A 283 -10.33 -26.59 -0.77
N GLY A 284 -9.27 -26.02 -1.36
CA GLY A 284 -9.31 -24.66 -1.84
C GLY A 284 -9.53 -23.65 -0.72
N THR A 285 -10.41 -22.69 -0.99
CA THR A 285 -10.71 -21.65 -0.01
C THR A 285 -11.87 -22.01 0.90
N THR A 286 -12.46 -23.18 0.71
CA THR A 286 -13.60 -23.57 1.53
C THR A 286 -13.18 -23.63 2.99
N PRO A 287 -13.94 -23.04 3.91
CA PRO A 287 -13.57 -23.14 5.32
C PRO A 287 -13.63 -24.62 5.70
N ALA A 288 -12.74 -25.02 6.60
CA ALA A 288 -12.66 -26.43 6.91
C ALA A 288 -13.79 -26.86 7.83
N GLN A 289 -14.12 -28.14 7.73
CA GLN A 289 -15.12 -28.79 8.56
C GLN A 289 -14.48 -30.03 9.14
N TRP A 290 -14.51 -30.14 10.46
CA TRP A 290 -13.89 -31.27 11.13
C TRP A 290 -14.89 -32.37 11.50
N GLU A 291 -14.47 -33.61 11.29
CA GLU A 291 -15.23 -34.80 11.63
C GLU A 291 -14.28 -35.73 12.37
N ASP A 292 -14.84 -36.63 13.16
CA ASP A 292 -14.01 -37.58 13.91
C ASP A 292 -14.05 -38.91 13.17
N ILE A 293 -12.87 -39.47 12.92
CA ILE A 293 -12.75 -40.73 12.21
C ILE A 293 -12.02 -41.78 13.05
N THR A 294 -12.07 -41.65 14.38
CA THR A 294 -11.34 -42.59 15.22
C THR A 294 -11.85 -44.02 15.05
N GLY A 295 -13.18 -44.18 14.95
CA GLY A 295 -13.72 -45.52 14.82
C GLY A 295 -13.33 -46.21 13.52
N THR A 296 -13.39 -45.47 12.42
CA THR A 296 -13.07 -46.03 11.11
C THR A 296 -11.58 -46.35 10.95
N THR A 297 -10.69 -45.50 11.45
CA THR A 297 -9.28 -45.73 11.17
C THR A 297 -8.50 -46.26 12.36
N PRO A 298 -7.70 -47.32 12.17
CA PRO A 298 -6.92 -47.87 13.27
C PRO A 298 -5.77 -46.95 13.66
N LEU A 299 -5.51 -46.87 14.96
CA LEU A 299 -4.46 -46.02 15.49
C LEU A 299 -3.40 -46.87 16.20
N THR A 300 -2.14 -46.64 15.86
CA THR A 300 -1.02 -47.39 16.43
C THR A 300 -0.14 -46.42 17.22
N PHE A 301 0.11 -46.74 18.50
CA PHE A 301 0.92 -45.84 19.33
C PHE A 301 2.31 -46.44 19.50
N VAL A 302 3.31 -45.76 18.95
CA VAL A 302 4.71 -46.14 19.07
C VAL A 302 5.56 -44.91 19.38
N ASN A 303 6.41 -45.01 20.40
CA ASN A 303 7.35 -43.93 20.74
C ASN A 303 6.65 -42.60 21.02
N GLU A 304 5.48 -42.66 21.68
CA GLU A 304 4.71 -41.48 22.04
C GLU A 304 4.12 -40.79 20.82
N CYS A 305 3.98 -41.52 19.71
CA CYS A 305 3.39 -41.00 18.50
C CYS A 305 2.29 -41.95 18.06
N VAL A 306 1.43 -41.46 17.18
CA VAL A 306 0.37 -42.27 16.59
C VAL A 306 0.62 -42.37 15.09
N SER A 307 0.47 -43.57 14.57
CA SER A 307 0.59 -43.86 13.14
C SER A 307 -0.72 -44.44 12.67
N PHE A 308 -1.26 -43.85 11.60
CA PHE A 308 -2.43 -44.39 10.94
C PHE A 308 -2.18 -44.31 9.43
N THR A 309 -3.05 -44.96 8.67
CA THR A 309 -3.02 -44.85 7.21
C THR A 309 -4.26 -44.10 6.73
N THR A 310 -4.13 -43.51 5.54
CA THR A 310 -5.22 -42.75 4.96
C THR A 310 -5.05 -42.74 3.45
N ASN A 311 -6.17 -42.92 2.75
CA ASN A 311 -6.18 -42.94 1.29
C ASN A 311 -6.36 -41.57 0.68
N VAL A 312 -6.58 -40.54 1.49
CA VAL A 312 -6.93 -39.22 1.01
C VAL A 312 -5.92 -38.23 1.59
N SER A 313 -5.74 -37.12 0.89
CA SER A 313 -4.92 -36.01 1.37
C SER A 313 -5.84 -34.96 1.99
N ALA A 314 -5.76 -34.79 3.30
CA ALA A 314 -6.67 -33.91 4.02
C ALA A 314 -5.89 -33.18 5.11
N ARG A 315 -6.60 -32.42 5.93
CA ARG A 315 -6.09 -31.97 7.22
C ARG A 315 -6.32 -33.04 8.28
N PHE A 316 -5.49 -33.01 9.31
CA PHE A 316 -5.54 -33.98 10.40
C PHE A 316 -5.25 -33.26 11.72
N TRP A 317 -5.71 -33.87 12.81
CA TRP A 317 -5.58 -33.27 14.13
C TRP A 317 -5.92 -34.31 15.18
N LEU A 318 -5.20 -34.29 16.28
CA LEU A 318 -5.45 -35.19 17.40
C LEU A 318 -5.94 -34.42 18.61
N ILE A 319 -6.83 -35.04 19.37
CA ILE A 319 -7.44 -34.38 20.52
C ILE A 319 -7.50 -35.38 21.67
N ASP A 320 -7.18 -34.92 22.89
CA ASP A 320 -7.21 -35.76 24.07
C ASP A 320 -8.34 -35.32 25.01
N CYS A 321 -9.43 -34.81 24.43
CA CYS A 321 -10.56 -34.32 25.20
C CYS A 321 -11.26 -35.45 25.95
N ARG A 322 -11.70 -35.15 27.18
CA ARG A 322 -12.47 -36.12 27.95
C ARG A 322 -13.86 -36.32 27.36
N GLN A 323 -14.51 -35.24 26.93
CA GLN A 323 -15.86 -35.30 26.38
C GLN A 323 -15.75 -35.61 24.89
N ILE A 324 -15.78 -36.90 24.55
CA ILE A 324 -15.64 -37.29 23.14
C ILE A 324 -16.79 -36.74 22.32
N GLN A 325 -17.99 -36.69 22.91
CA GLN A 325 -19.18 -36.26 22.18
C GLN A 325 -19.03 -34.84 21.64
N GLU A 326 -18.41 -33.96 22.42
CA GLU A 326 -18.21 -32.58 22.02
C GLU A 326 -16.87 -32.33 21.36
N SER A 327 -16.03 -33.37 21.21
CA SER A 327 -14.67 -33.19 20.70
C SER A 327 -14.60 -32.31 19.44
N VAL A 328 -15.51 -32.53 18.49
CA VAL A 328 -15.48 -31.75 17.25
C VAL A 328 -15.72 -30.28 17.52
N THR A 329 -16.66 -29.98 18.42
CA THR A 329 -16.92 -28.59 18.74
C THR A 329 -15.69 -27.95 19.35
N PHE A 330 -14.97 -28.71 20.18
CA PHE A 330 -13.77 -28.14 20.78
C PHE A 330 -12.79 -27.73 19.71
N ALA A 331 -12.60 -28.59 18.70
CA ALA A 331 -11.69 -28.25 17.62
C ALA A 331 -12.14 -26.98 16.92
N SER A 332 -13.46 -26.88 16.67
CA SER A 332 -13.97 -25.69 16.01
C SER A 332 -13.70 -24.45 16.84
N GLN A 333 -13.82 -24.58 18.17
CA GLN A 333 -13.56 -23.43 19.02
C GLN A 333 -12.10 -22.99 18.92
N VAL A 334 -11.19 -23.96 18.82
CA VAL A 334 -9.78 -23.60 18.70
C VAL A 334 -9.45 -23.17 17.28
N TYR A 335 -9.77 -24.02 16.29
CA TYR A 335 -9.40 -23.76 14.91
C TYR A 335 -9.80 -22.35 14.46
N ARG A 336 -11.09 -22.02 14.63
CA ARG A 336 -11.65 -20.69 14.34
C ARG A 336 -10.71 -19.55 14.71
N GLU A 337 -10.01 -19.70 15.84
CA GLU A 337 -9.09 -18.67 16.30
C GLU A 337 -7.69 -18.83 15.69
N ILE A 338 -7.10 -20.02 15.80
CA ILE A 338 -5.69 -20.18 15.47
C ILE A 338 -5.40 -20.07 13.98
N ILE A 339 -6.38 -20.28 13.10
CA ILE A 339 -6.19 -20.01 11.68
C ILE A 339 -5.91 -18.54 11.40
N CYS A 340 -6.32 -17.63 12.28
CA CYS A 340 -6.18 -16.21 11.99
C CYS A 340 -4.71 -15.86 11.85
N VAL A 341 -4.38 -15.19 10.75
CA VAL A 341 -2.98 -14.99 10.36
C VAL A 341 -2.41 -13.92 11.27
N PRO A 342 -1.15 -14.04 11.72
CA PRO A 342 -0.64 -13.03 12.65
C PRO A 342 0.20 -11.98 11.97
N TYR A 343 -0.14 -10.72 12.23
CA TYR A 343 0.53 -9.58 11.64
C TYR A 343 1.18 -8.75 12.73
N MET A 344 2.37 -8.22 12.46
CA MET A 344 3.08 -7.38 13.41
C MET A 344 2.77 -5.96 13.02
N ALA A 345 2.04 -5.24 13.88
CA ALA A 345 1.58 -3.89 13.54
C ALA A 345 1.88 -2.91 14.67
N LYS A 346 1.73 -1.63 14.33
CA LYS A 346 2.01 -0.52 15.24
C LYS A 346 0.70 0.10 15.72
N PHE A 347 0.68 0.51 16.99
CA PHE A 347 -0.46 1.21 17.57
C PHE A 347 -0.09 2.68 17.73
N VAL A 348 -0.94 3.57 17.23
CA VAL A 348 -0.69 5.01 17.32
C VAL A 348 -1.92 5.72 17.84
N VAL A 349 -1.71 6.66 18.77
CA VAL A 349 -2.80 7.34 19.45
C VAL A 349 -2.64 8.84 19.25
N PHE A 350 -3.73 9.51 18.88
CA PHE A 350 -3.80 10.94 18.60
C PHE A 350 -4.83 11.56 19.54
N ALA A 351 -4.66 12.84 19.85
CA ALA A 351 -5.63 13.46 20.74
C ALA A 351 -5.64 14.98 20.61
N LYS A 352 -6.81 15.56 20.89
CA LYS A 352 -7.04 17.00 20.90
C LYS A 352 -7.87 17.28 22.14
N SER A 353 -7.64 18.40 22.81
CA SER A 353 -8.35 18.68 24.06
C SER A 353 -9.55 19.59 23.83
N HIS A 354 -10.74 19.07 24.15
CA HIS A 354 -11.96 19.85 24.05
C HIS A 354 -11.93 21.01 25.03
N ASP A 355 -11.32 20.78 26.20
CA ASP A 355 -11.15 21.68 27.32
C ASP A 355 -10.22 20.93 28.27
N PRO A 356 -9.84 21.47 29.43
CA PRO A 356 -8.94 20.69 30.30
C PRO A 356 -9.56 19.40 30.83
N ILE A 357 -10.83 19.42 31.23
CA ILE A 357 -11.47 18.25 31.80
C ILE A 357 -11.61 17.13 30.77
N GLU A 358 -12.09 17.43 29.56
CA GLU A 358 -12.32 16.39 28.57
C GLU A 358 -11.31 16.47 27.42
N ALA A 359 -11.45 15.53 26.49
CA ALA A 359 -10.65 15.51 25.28
C ALA A 359 -11.20 14.47 24.30
N ARG A 360 -10.83 14.65 23.04
CA ARG A 360 -11.08 13.71 21.96
C ARG A 360 -9.82 12.91 21.68
N LEU A 361 -10.01 11.65 21.29
CA LEU A 361 -8.94 10.67 21.19
C LEU A 361 -9.18 9.77 20.00
N ARG A 362 -8.30 9.79 19.01
CA ARG A 362 -8.41 8.88 17.88
C ARG A 362 -7.29 7.86 17.95
N CYS A 363 -7.64 6.59 17.79
CA CYS A 363 -6.63 5.53 17.87
C CYS A 363 -6.59 4.75 16.57
N PHE A 364 -5.39 4.31 16.21
CA PHE A 364 -5.21 3.55 15.00
C PHE A 364 -4.30 2.37 15.23
N CYS A 365 -4.50 1.33 14.43
CA CYS A 365 -3.64 0.16 14.38
C CYS A 365 -3.24 0.12 12.92
N MET A 366 -1.94 0.15 12.65
CA MET A 366 -1.47 0.28 11.29
C MET A 366 -0.38 -0.71 10.95
N THR A 367 -0.29 -1.01 9.66
CA THR A 367 0.74 -1.85 9.08
C THR A 367 1.47 -0.97 8.08
N ASP A 368 0.94 -0.88 6.87
CA ASP A 368 1.54 -0.10 5.80
C ASP A 368 0.98 1.32 5.76
N ASP A 369 0.07 1.65 6.67
CA ASP A 369 -0.61 2.94 6.64
C ASP A 369 0.37 4.09 6.81
N LYS A 370 -0.10 5.28 6.45
CA LYS A 370 0.71 6.50 6.51
C LYS A 370 1.29 6.69 7.91
N VAL A 371 2.60 6.99 7.97
CA VAL A 371 3.26 7.16 9.25
C VAL A 371 2.61 8.28 10.06
N ASP A 372 2.25 9.38 9.40
CA ASP A 372 1.63 10.53 10.06
C ASP A 372 0.45 11.02 9.24
N LYS A 373 -0.75 10.69 9.69
CA LYS A 373 -1.97 11.04 8.96
C LYS A 373 -2.06 12.55 8.77
N THR A 374 -2.44 12.96 7.56
CA THR A 374 -2.58 14.39 7.26
C THR A 374 -3.77 15.00 8.00
N LEU A 375 -4.86 14.23 8.15
CA LEU A 375 -6.06 14.77 8.79
C LEU A 375 -5.77 15.23 10.21
N GLU A 376 -5.04 14.43 10.98
CA GLU A 376 -4.75 14.80 12.37
C GLU A 376 -3.90 16.06 12.42
N GLN A 377 -2.92 16.18 11.53
CA GLN A 377 -2.09 17.38 11.50
C GLN A 377 -2.95 18.60 11.16
N GLN A 378 -3.85 18.43 10.19
CA GLN A 378 -4.71 19.52 9.76
C GLN A 378 -5.68 19.94 10.85
N GLU A 379 -6.19 18.98 11.62
CA GLU A 379 -7.11 19.24 12.72
C GLU A 379 -6.40 19.57 14.02
N ASN A 380 -5.07 19.71 13.96
CA ASN A 380 -4.25 20.05 15.13
C ASN A 380 -4.32 18.96 16.18
N PHE A 381 -4.37 17.71 15.74
CA PHE A 381 -4.28 16.56 16.62
C PHE A 381 -2.80 16.27 16.87
N ALA A 382 -2.51 15.63 18.00
CA ALA A 382 -1.11 15.35 18.34
C ALA A 382 -0.88 13.88 18.59
N GLU A 383 0.26 13.39 18.11
CA GLU A 383 0.71 12.04 18.45
C GLU A 383 1.09 12.00 19.93
N VAL A 384 0.36 11.22 20.71
CA VAL A 384 0.62 11.12 22.14
C VAL A 384 1.22 9.78 22.54
N ALA A 385 1.12 8.76 21.70
CA ALA A 385 1.65 7.44 22.04
C ALA A 385 1.72 6.59 20.79
N ARG A 386 2.60 5.59 20.84
CA ARG A 386 3.04 4.86 19.66
C ARG A 386 3.77 3.59 20.07
N SER A 387 3.13 2.43 19.92
CA SER A 387 3.68 1.18 20.41
C SER A 387 4.70 0.60 19.44
N ARG A 388 5.71 -0.10 19.97
CA ARG A 388 6.52 -0.96 19.12
C ARG A 388 5.62 -1.96 18.39
N ASP A 389 6.16 -2.55 17.32
CA ASP A 389 5.40 -3.53 16.55
C ASP A 389 5.04 -4.71 17.45
N VAL A 390 3.77 -5.13 17.38
CA VAL A 390 3.25 -6.21 18.21
C VAL A 390 2.31 -7.07 17.39
N GLU A 391 2.24 -8.35 17.75
CA GLU A 391 1.37 -9.31 17.09
C GLU A 391 -0.10 -8.98 17.35
N VAL A 392 -0.82 -8.63 16.30
CA VAL A 392 -2.28 -8.63 16.28
C VAL A 392 -2.72 -9.64 15.22
N LEU A 393 -3.92 -10.17 15.39
CA LEU A 393 -4.39 -11.29 14.57
C LEU A 393 -5.45 -10.83 13.59
N GLU A 394 -5.26 -11.19 12.32
CA GLU A 394 -6.11 -10.72 11.24
C GLU A 394 -7.58 -11.10 11.44
N GLY A 395 -8.45 -10.10 11.31
CA GLY A 395 -9.89 -10.28 11.35
C GLY A 395 -10.49 -10.36 12.73
N LYS A 396 -9.70 -10.33 13.76
CA LYS A 396 -10.24 -10.43 15.11
C LYS A 396 -10.47 -9.04 15.65
N PRO A 397 -11.38 -8.87 16.59
CA PRO A 397 -11.67 -7.52 17.10
C PRO A 397 -10.60 -7.09 18.10
N ILE A 398 -10.70 -5.82 18.47
CA ILE A 398 -9.82 -5.22 19.46
C ILE A 398 -10.68 -4.42 20.43
N TYR A 399 -10.38 -4.55 21.72
CA TYR A 399 -11.04 -3.89 22.84
C TYR A 399 -10.08 -2.86 23.41
N VAL A 400 -10.58 -1.65 23.67
CA VAL A 400 -9.75 -0.56 24.16
C VAL A 400 -10.31 -0.03 25.46
N ASP A 401 -9.43 0.17 26.45
CA ASP A 401 -9.88 0.78 27.69
C ASP A 401 -8.75 1.61 28.28
N CYS A 402 -9.10 2.60 29.10
CA CYS A 402 -8.13 3.49 29.71
C CYS A 402 -8.22 3.36 31.23
N PHE A 403 -7.09 3.11 31.88
CA PHE A 403 -7.05 2.83 33.31
C PHE A 403 -6.26 3.80 34.18
N GLY A 404 -5.78 4.94 33.68
CA GLY A 404 -4.95 5.70 34.60
C GLY A 404 -5.52 6.90 35.34
N ASN A 405 -5.08 8.12 35.00
CA ASN A 405 -5.62 9.32 35.64
C ASN A 405 -6.85 9.84 34.90
N LEU A 406 -7.20 9.23 33.77
CA LEU A 406 -8.36 9.64 33.00
C LEU A 406 -9.10 8.38 32.61
N VAL A 407 -10.36 8.55 32.20
CA VAL A 407 -11.20 7.42 31.87
C VAL A 407 -11.99 7.75 30.61
N PRO A 408 -12.55 6.74 29.95
CA PRO A 408 -13.29 7.00 28.71
C PRO A 408 -14.78 6.85 28.95
N LEU A 409 -15.57 7.76 28.40
CA LEU A 409 -17.01 7.70 28.61
C LEU A 409 -17.59 6.39 28.13
N THR A 410 -18.37 5.76 29.01
CA THR A 410 -19.07 4.51 28.80
C THR A 410 -20.20 4.47 29.80
N LYS A 411 -21.17 3.60 29.54
CA LYS A 411 -22.36 3.49 30.39
C LYS A 411 -22.81 2.04 30.38
N SER A 412 -24.01 1.79 30.92
CA SER A 412 -24.56 0.43 30.95
C SER A 412 -25.03 0.15 29.53
N GLY A 413 -24.04 0.03 28.65
CA GLY A 413 -24.18 -0.18 27.23
C GLY A 413 -22.90 -0.76 26.66
N GLN A 414 -22.99 -1.13 25.39
CA GLN A 414 -21.87 -1.73 24.68
C GLN A 414 -20.66 -0.80 24.68
N HIS A 415 -19.48 -1.40 24.69
CA HIS A 415 -18.21 -0.70 24.69
C HIS A 415 -17.90 -0.34 23.25
N HIS A 416 -16.71 0.14 22.98
CA HIS A 416 -16.32 0.54 21.65
C HIS A 416 -15.15 -0.35 21.30
N ILE A 417 -15.08 -0.72 20.03
CA ILE A 417 -14.00 -1.57 19.58
C ILE A 417 -13.76 -1.40 18.09
N PHE A 418 -12.63 -1.89 17.60
CA PHE A 418 -12.41 -1.81 16.16
C PHE A 418 -11.90 -3.16 15.74
N SER A 419 -11.99 -3.45 14.44
CA SER A 419 -11.53 -4.73 13.96
C SER A 419 -10.26 -4.49 13.18
N PHE A 420 -9.32 -5.43 13.29
CA PHE A 420 -8.06 -5.29 12.57
C PHE A 420 -8.14 -6.12 11.30
N PHE A 421 -7.93 -5.48 10.18
CA PHE A 421 -7.59 -6.14 8.94
C PHE A 421 -6.26 -5.56 8.47
N ALA A 422 -5.52 -6.34 7.70
CA ALA A 422 -4.22 -5.90 7.26
C ALA A 422 -4.38 -4.95 6.08
N PHE A 423 -3.70 -3.81 6.15
CA PHE A 423 -3.58 -2.82 5.08
C PHE A 423 -4.87 -2.06 4.84
N LYS A 424 -5.94 -2.37 5.55
CA LYS A 424 -7.05 -1.44 5.67
C LYS A 424 -6.78 -0.45 6.80
N GLU A 425 -7.59 0.60 6.86
CA GLU A 425 -7.56 1.52 7.98
C GLU A 425 -8.22 0.86 9.19
N ASN A 426 -7.70 1.14 10.38
CA ASN A 426 -8.26 0.62 11.63
C ASN A 426 -8.35 1.77 12.63
N ARG A 427 -9.51 2.42 12.68
CA ARG A 427 -9.69 3.60 13.52
C ARG A 427 -10.68 3.31 14.65
N LEU A 428 -10.40 3.90 15.80
CA LEU A 428 -11.33 3.90 16.94
C LEU A 428 -11.47 5.32 17.46
N PRO A 429 -12.62 5.97 17.24
CA PRO A 429 -12.87 7.26 17.87
C PRO A 429 -13.23 7.09 19.34
N LEU A 430 -12.74 8.03 20.15
CA LEU A 430 -12.96 8.00 21.58
C LEU A 430 -13.10 9.40 22.16
N PHE A 431 -13.70 9.44 23.34
CA PHE A 431 -13.82 10.63 24.17
C PHE A 431 -13.32 10.24 25.55
N VAL A 432 -12.43 11.02 26.14
CA VAL A 432 -11.91 10.70 27.46
C VAL A 432 -11.90 11.94 28.34
N LYS A 433 -12.29 11.76 29.60
CA LYS A 433 -12.35 12.82 30.60
C LYS A 433 -11.34 12.51 31.69
N VAL A 434 -10.64 13.53 32.19
CA VAL A 434 -9.72 13.29 33.28
C VAL A 434 -10.51 12.87 34.51
N ARG A 435 -10.08 11.78 35.16
CA ARG A 435 -10.81 11.29 36.33
C ARG A 435 -10.70 12.28 37.48
N ASP A 436 -9.49 12.76 37.76
CA ASP A 436 -9.26 13.70 38.84
C ASP A 436 -8.25 14.74 38.39
N THR A 437 -8.43 15.96 38.88
CA THR A 437 -7.56 17.08 38.54
C THR A 437 -6.46 17.26 39.56
N THR A 438 -6.35 16.34 40.51
CA THR A 438 -5.34 16.44 41.56
C THR A 438 -3.93 16.33 41.00
N GLN A 439 -3.72 15.42 40.07
CA GLN A 439 -2.40 15.16 39.49
C GLN A 439 -2.44 15.30 37.97
N GLU A 440 -1.25 15.19 37.36
CA GLU A 440 -1.02 15.36 35.93
C GLU A 440 -1.94 14.45 35.13
N PRO A 441 -2.30 14.83 33.89
CA PRO A 441 -3.25 14.05 33.10
C PRO A 441 -2.62 12.92 32.28
N CYS A 442 -1.86 12.05 32.95
CA CYS A 442 -1.27 10.92 32.26
C CYS A 442 -2.24 9.75 32.34
N GLY A 443 -2.05 8.77 31.48
CA GLY A 443 -2.97 7.66 31.50
C GLY A 443 -2.37 6.31 31.17
N ARG A 444 -3.26 5.36 30.90
CA ARG A 444 -2.86 4.03 30.45
C ARG A 444 -3.95 3.55 29.52
N LEU A 445 -3.57 3.18 28.30
CA LEU A 445 -4.47 2.72 27.27
C LEU A 445 -4.08 1.30 26.93
N SER A 446 -5.04 0.39 27.01
CA SER A 446 -4.74 -1.00 26.71
C SER A 446 -5.67 -1.52 25.64
N PHE A 447 -5.08 -2.25 24.71
CA PHE A 447 -5.79 -2.92 23.63
C PHE A 447 -5.71 -4.41 23.95
N MET A 448 -6.86 -5.07 23.98
CA MET A 448 -7.03 -6.45 24.39
C MET A 448 -7.83 -7.23 23.36
N LYS A 449 -7.79 -8.56 23.50
CA LYS A 449 -8.54 -9.46 22.63
C LYS A 449 -9.91 -9.81 23.21
N GLU A 450 -10.09 -9.62 24.52
CA GLU A 450 -11.31 -9.88 25.24
C GLU A 450 -11.50 -8.77 26.25
N PRO A 451 -12.75 -8.42 26.58
CA PRO A 451 -12.97 -7.34 27.55
C PRO A 451 -12.58 -7.75 28.96
N LYS A 452 -12.13 -6.75 29.72
CA LYS A 452 -11.69 -6.98 31.10
C LYS A 452 -12.85 -7.34 32.00
N ARG A 455 -14.02 -9.06 37.88
CA ARG A 455 -14.39 -9.65 36.60
C ARG A 455 -13.50 -10.83 36.25
N GLY A 456 -12.64 -11.21 37.20
CA GLY A 456 -11.70 -12.29 37.03
C GLY A 456 -10.27 -11.80 36.92
N LEU A 457 -9.40 -12.69 36.43
CA LEU A 457 -7.99 -12.37 36.26
C LEU A 457 -7.75 -11.88 34.84
N VAL A 458 -7.21 -10.67 34.71
CA VAL A 458 -6.93 -10.08 33.40
C VAL A 458 -5.88 -10.89 32.65
N HIS A 459 -6.14 -11.17 31.38
CA HIS A 459 -5.18 -11.89 30.56
C HIS A 459 -4.44 -10.87 29.71
N GLN A 460 -3.19 -11.19 29.36
CA GLN A 460 -2.34 -10.30 28.57
C GLN A 460 -3.15 -9.55 27.52
N ALA A 461 -2.94 -8.25 27.45
CA ALA A 461 -3.57 -7.42 26.44
C ALA A 461 -2.80 -7.50 25.13
N ILE A 462 -3.26 -6.74 24.13
CA ILE A 462 -2.58 -6.75 22.84
C ILE A 462 -1.45 -5.74 22.81
N CYS A 463 -1.70 -4.53 23.34
CA CYS A 463 -0.56 -3.66 23.64
C CYS A 463 -0.99 -2.60 24.64
N ASN A 464 0.01 -2.03 25.32
CA ASN A 464 -0.20 -1.00 26.32
C ASN A 464 0.53 0.27 25.89
N LEU A 465 -0.19 1.39 25.91
CA LEU A 465 0.38 2.69 25.61
C LEU A 465 0.09 3.63 26.76
N ASN A 466 1.11 4.28 27.30
CA ASN A 466 0.83 5.37 28.21
C ASN A 466 0.74 6.68 27.43
N ILE A 467 0.13 7.68 28.06
CA ILE A 467 -0.17 8.91 27.35
C ILE A 467 -0.11 10.11 28.28
N THR A 468 -0.31 11.30 27.73
CA THR A 468 -0.38 12.54 28.50
C THR A 468 -1.10 13.56 27.62
N LEU A 469 -2.31 13.91 28.01
CA LEU A 469 -3.15 14.81 27.23
C LEU A 469 -2.43 16.12 26.91
N PRO A 470 -2.46 16.57 25.66
CA PRO A 470 -1.80 17.84 25.32
C PRO A 470 -2.57 19.05 25.84
N ILE A 471 -1.85 20.17 25.95
CA ILE A 471 -2.43 21.40 26.46
C ILE A 471 -3.54 21.92 25.53
N TYR A 472 -4.54 22.54 26.14
CA TYR A 472 -5.69 23.08 25.41
C TYR A 472 -5.31 24.19 24.45
N THR A 473 -5.84 24.10 23.24
CA THR A 473 -5.63 25.09 22.18
C THR A 473 -6.90 25.94 22.10
N LYS A 474 -6.73 27.25 22.02
CA LYS A 474 -7.86 28.18 22.01
C LYS A 474 -8.13 28.64 20.58
N GLU A 475 -9.28 28.23 20.04
CA GLU A 475 -9.68 28.62 18.69
C GLU A 475 -11.19 28.76 18.60
N PHE B 2 -62.46 39.59 24.25
CA PHE B 2 -62.23 41.03 24.35
C PHE B 2 -60.87 41.40 23.77
N GLN B 3 -60.19 42.35 24.41
CA GLN B 3 -58.88 42.79 23.95
C GLN B 3 -57.90 41.61 23.92
N VAL B 4 -57.95 40.77 24.95
CA VAL B 4 -57.09 39.60 25.01
C VAL B 4 -57.36 38.67 23.85
N GLU B 5 -58.63 38.56 23.43
CA GLU B 5 -58.95 37.68 22.31
C GLU B 5 -58.29 38.16 21.02
N GLN B 6 -58.36 39.47 20.76
CA GLN B 6 -57.72 40.01 19.56
C GLN B 6 -56.21 39.81 19.63
N TYR B 7 -55.63 40.00 20.82
CA TYR B 7 -54.20 39.81 20.94
C TYR B 7 -53.86 38.35 20.66
N TYR B 8 -54.69 37.42 21.15
CA TYR B 8 -54.46 36.01 20.87
C TYR B 8 -54.49 35.76 19.39
N PHE B 9 -55.40 36.45 18.68
CA PHE B 9 -55.49 36.27 17.24
C PHE B 9 -54.17 36.68 16.58
N ASP B 10 -53.62 37.83 16.99
CA ASP B 10 -52.36 38.27 16.40
C ASP B 10 -51.23 37.29 16.70
N VAL B 11 -51.17 36.78 17.94
CA VAL B 11 -50.12 35.81 18.28
C VAL B 11 -50.29 34.56 17.44
N ALA B 12 -51.55 34.16 17.20
CA ALA B 12 -51.81 32.97 16.41
C ALA B 12 -51.28 33.16 15.00
N GLU B 13 -51.56 34.32 14.40
CA GLU B 13 -51.07 34.56 13.04
C GLU B 13 -49.55 34.54 12.98
N VAL B 14 -48.89 35.18 13.96
CA VAL B 14 -47.42 35.20 13.96
C VAL B 14 -46.87 33.79 14.15
N GLU B 15 -47.48 33.02 15.07
CA GLU B 15 -47.01 31.66 15.31
C GLU B 15 -47.16 30.82 14.06
N ALA B 16 -48.27 31.02 13.33
CA ALA B 16 -48.49 30.30 12.09
C ALA B 16 -47.41 30.64 11.08
N TRP B 17 -47.07 31.94 10.96
CA TRP B 17 -46.03 32.32 10.01
C TRP B 17 -44.70 31.67 10.40
N LEU B 18 -44.39 31.67 11.69
CA LEU B 18 -43.13 31.09 12.16
C LEU B 18 -43.09 29.61 11.82
N GLY B 19 -44.18 28.89 12.07
CA GLY B 19 -44.21 27.47 11.74
C GLY B 19 -44.06 27.26 10.25
N GLU B 20 -44.74 28.08 9.45
CA GLU B 20 -44.69 27.93 8.00
C GLU B 20 -43.25 28.06 7.51
N GLN B 21 -42.51 29.01 8.08
CA GLN B 21 -41.12 29.18 7.72
C GLN B 21 -40.31 27.98 8.18
N GLU B 22 -40.53 27.53 9.42
CA GLU B 22 -39.79 26.39 9.93
C GLU B 22 -39.95 25.21 8.98
N LEU B 23 -41.20 24.82 8.73
CA LEU B 23 -41.52 23.68 7.88
C LEU B 23 -40.87 23.79 6.51
N LEU B 24 -40.85 25.00 5.93
CA LEU B 24 -40.18 25.14 4.64
C LEU B 24 -38.66 25.04 4.75
N MET B 25 -38.11 25.44 5.89
CA MET B 25 -36.67 25.39 6.13
C MET B 25 -36.14 24.02 6.53
N MET B 26 -36.99 23.15 7.06
CA MET B 26 -36.58 21.80 7.45
C MET B 26 -36.45 20.84 6.27
N SER B 27 -37.00 21.20 5.10
CA SER B 27 -36.92 20.37 3.90
C SER B 27 -35.56 19.70 3.77
N GLU B 28 -35.58 18.41 3.42
CA GLU B 28 -34.38 17.60 3.36
C GLU B 28 -33.66 17.66 2.03
N ASP B 29 -34.26 18.28 1.02
CA ASP B 29 -33.66 18.35 -0.31
C ASP B 29 -32.45 19.26 -0.31
N LYS B 30 -31.27 18.70 -0.63
CA LYS B 30 -30.03 19.45 -0.71
C LYS B 30 -29.64 19.78 -2.15
N GLY B 31 -29.83 18.87 -3.08
CA GLY B 31 -29.60 19.17 -4.49
C GLY B 31 -29.10 17.97 -5.26
N LYS B 32 -28.94 18.19 -6.56
CA LYS B 32 -28.42 17.22 -7.53
C LYS B 32 -27.19 17.83 -8.17
N ASP B 33 -27.36 18.62 -9.21
CA ASP B 33 -26.20 19.27 -9.80
C ASP B 33 -25.80 20.45 -8.89
N GLU B 34 -24.71 21.13 -9.23
CA GLU B 34 -24.28 22.26 -8.43
C GLU B 34 -25.34 23.36 -8.41
N GLN B 35 -25.92 23.65 -9.57
CA GLN B 35 -26.91 24.72 -9.65
C GLN B 35 -28.11 24.44 -8.77
N SER B 36 -28.52 23.18 -8.65
CA SER B 36 -29.68 22.87 -7.80
C SER B 36 -29.43 23.30 -6.36
N THR B 37 -28.23 23.04 -5.84
CA THR B 37 -27.92 23.43 -4.47
C THR B 37 -27.72 24.94 -4.38
N LEU B 38 -27.25 25.55 -5.46
CA LEU B 38 -27.14 27.00 -5.48
C LEU B 38 -28.52 27.64 -5.37
N GLN B 39 -29.40 27.31 -6.31
CA GLN B 39 -30.78 27.77 -6.28
C GLN B 39 -31.45 27.53 -4.92
N LEU B 40 -31.16 26.40 -4.28
CA LEU B 40 -31.73 26.20 -2.95
C LEU B 40 -31.07 27.09 -1.90
N LEU B 41 -29.79 27.42 -2.08
CA LEU B 41 -29.14 28.33 -1.13
C LEU B 41 -29.69 29.74 -1.30
N LYS B 42 -29.95 30.15 -2.54
CA LYS B 42 -30.64 31.41 -2.80
C LYS B 42 -32.01 31.41 -2.12
N LYS B 43 -32.85 30.42 -2.46
CA LYS B 43 -34.17 30.30 -1.85
C LYS B 43 -34.09 30.45 -0.34
N HIS B 44 -33.22 29.66 0.31
CA HIS B 44 -33.17 29.72 1.76
C HIS B 44 -32.61 31.05 2.25
N LEU B 45 -31.82 31.73 1.41
CA LEU B 45 -31.37 33.07 1.79
C LEU B 45 -32.55 34.02 1.80
N GLN B 46 -33.44 33.89 0.81
CA GLN B 46 -34.63 34.73 0.77
C GLN B 46 -35.49 34.45 2.00
N LEU B 47 -35.59 33.17 2.40
CA LEU B 47 -36.36 32.86 3.60
C LEU B 47 -35.71 33.51 4.82
N GLU B 48 -34.37 33.48 4.90
CA GLU B 48 -33.68 34.08 6.04
C GLU B 48 -33.91 35.59 6.07
N GLN B 49 -33.84 36.23 4.90
CA GLN B 49 -34.11 37.67 4.84
C GLN B 49 -35.54 37.95 5.24
N GLY B 50 -36.47 37.09 4.81
CA GLY B 50 -37.86 37.28 5.20
C GLY B 50 -38.01 37.21 6.70
N VAL B 51 -37.34 36.24 7.33
CA VAL B 51 -37.40 36.07 8.77
C VAL B 51 -36.86 37.32 9.46
N GLU B 52 -35.76 37.88 8.93
CA GLU B 52 -35.21 39.08 9.52
C GLU B 52 -36.17 40.25 9.34
N ASN B 53 -36.81 40.32 8.17
CA ASN B 53 -37.78 41.38 7.89
C ASN B 53 -38.97 41.30 8.84
N TYR B 54 -39.35 40.09 9.24
CA TYR B 54 -40.49 39.87 10.12
C TYR B 54 -40.26 40.46 11.51
N GLU B 55 -39.03 40.90 11.80
CA GLU B 55 -38.71 41.44 13.12
C GLU B 55 -39.64 42.59 13.48
N GLU B 56 -39.96 43.45 12.51
CA GLU B 56 -40.89 44.53 12.77
C GLU B 56 -42.27 43.99 13.12
N SER B 57 -42.71 42.95 12.41
CA SER B 57 -44.02 42.37 12.67
C SER B 57 -44.09 41.80 14.08
N ILE B 58 -43.03 41.11 14.52
CA ILE B 58 -43.02 40.64 15.91
C ILE B 58 -42.92 41.83 16.85
N ALA B 59 -42.31 42.94 16.39
CA ALA B 59 -42.23 44.13 17.22
C ALA B 59 -43.62 44.65 17.52
N GLN B 60 -44.51 44.58 16.53
CA GLN B 60 -45.88 45.05 16.75
C GLN B 60 -46.51 44.28 17.90
N LEU B 61 -46.25 42.96 17.96
CA LEU B 61 -46.75 42.18 19.08
C LEU B 61 -46.10 42.63 20.38
N SER B 62 -44.80 42.96 20.33
CA SER B 62 -44.14 43.39 21.56
C SER B 62 -44.82 44.64 22.12
N ARG B 63 -45.15 45.58 21.24
CA ARG B 63 -45.82 46.81 21.66
C ARG B 63 -47.21 46.50 22.20
N GLN B 64 -47.97 45.66 21.49
CA GLN B 64 -49.32 45.33 21.93
C GLN B 64 -49.33 44.63 23.28
N CYS B 65 -48.38 43.70 23.49
CA CYS B 65 -48.29 43.02 24.77
C CYS B 65 -47.86 43.98 25.86
N ARG B 66 -46.94 44.90 25.55
CA ARG B 66 -46.47 45.84 26.55
C ARG B 66 -47.63 46.74 27.01
N ALA B 67 -48.45 47.17 26.05
CA ALA B 67 -49.59 48.03 26.36
C ALA B 67 -50.78 47.27 26.92
N LEU B 68 -50.79 45.95 26.80
CA LEU B 68 -51.78 45.13 27.49
C LEU B 68 -51.33 44.73 28.89
N LEU B 69 -50.04 44.42 29.07
CA LEU B 69 -49.51 44.10 30.38
C LEU B 69 -49.13 45.37 31.14
N HIS B 73 -53.61 44.83 32.69
CA HIS B 73 -53.18 43.61 33.39
C HIS B 73 -54.34 42.69 33.81
N PRO B 74 -55.28 42.39 32.90
CA PRO B 74 -56.41 41.52 33.30
C PRO B 74 -55.98 40.11 33.68
N ASP B 75 -55.15 39.48 32.85
CA ASP B 75 -54.68 38.12 33.07
C ASP B 75 -53.37 37.93 32.32
N SER B 76 -52.31 38.58 32.79
CA SER B 76 -51.04 38.54 32.09
C SER B 76 -50.20 37.30 32.40
N GLU B 77 -50.66 36.42 33.28
CA GLU B 77 -49.92 35.19 33.54
C GLU B 77 -49.75 34.39 32.26
N GLN B 78 -50.85 34.22 31.51
CA GLN B 78 -50.81 33.54 30.22
C GLN B 78 -50.18 34.42 29.14
N ILE B 79 -50.45 35.73 29.16
CA ILE B 79 -49.98 36.63 28.12
C ILE B 79 -48.45 36.69 28.10
N SER B 80 -47.84 36.88 29.27
CA SER B 80 -46.39 36.97 29.34
C SER B 80 -45.72 35.68 28.91
N ARG B 81 -46.25 34.53 29.34
CA ARG B 81 -45.66 33.26 28.95
C ARG B 81 -45.78 33.03 27.45
N ARG B 82 -46.95 33.33 26.88
CA ARG B 82 -47.18 33.11 25.47
C ARG B 82 -46.26 33.96 24.60
N GLN B 83 -46.16 35.26 24.93
CA GLN B 83 -45.27 36.10 24.14
C GLN B 83 -43.81 35.69 24.35
N SER B 84 -43.41 35.40 25.59
CA SER B 84 -42.02 35.00 25.79
C SER B 84 -41.72 33.76 24.98
N GLN B 85 -42.75 32.90 24.84
CA GLN B 85 -42.61 31.70 24.02
C GLN B 85 -42.31 32.11 22.60
N VAL B 86 -43.00 33.14 22.10
CA VAL B 86 -42.74 33.59 20.74
C VAL B 86 -41.30 34.10 20.64
N ASP B 87 -40.83 34.77 21.68
CA ASP B 87 -39.47 35.34 21.68
C ASP B 87 -38.41 34.25 21.53
N ARG B 88 -38.48 33.22 22.36
CA ARG B 88 -37.50 32.14 22.30
C ARG B 88 -37.70 31.28 21.06
N LEU B 89 -38.95 31.06 20.66
CA LEU B 89 -39.22 30.26 19.48
C LEU B 89 -38.65 30.93 18.24
N TYR B 90 -38.87 32.24 18.10
CA TYR B 90 -38.33 32.98 16.97
C TYR B 90 -36.80 32.95 16.99
N VAL B 91 -36.19 33.09 18.17
CA VAL B 91 -34.74 33.00 18.24
C VAL B 91 -34.29 31.62 17.77
N ALA B 92 -35.00 30.58 18.18
CA ALA B 92 -34.66 29.22 17.79
C ALA B 92 -34.76 29.05 16.28
N LEU B 93 -35.80 29.61 15.67
CA LEU B 93 -35.94 29.52 14.22
C LEU B 93 -34.76 30.20 13.54
N LYS B 94 -34.29 31.31 14.12
CA LYS B 94 -33.14 32.00 13.52
C LYS B 94 -31.90 31.09 13.57
N GLU B 95 -31.67 30.45 14.71
CA GLU B 95 -30.51 29.57 14.81
C GLU B 95 -30.65 28.43 13.82
N LEU B 96 -31.86 27.87 13.69
CA LEU B 96 -32.05 26.79 12.74
C LEU B 96 -31.77 27.30 11.33
N GLY B 97 -31.99 28.60 11.11
CA GLY B 97 -31.66 29.18 9.83
C GLY B 97 -30.17 29.11 9.59
N GLU B 98 -29.39 29.43 10.62
CA GLU B 98 -27.94 29.38 10.45
C GLU B 98 -27.49 27.94 10.20
N GLU B 99 -28.11 26.98 10.91
CA GLU B 99 -27.84 25.57 10.68
C GLU B 99 -28.05 25.19 9.23
N ARG B 100 -29.27 25.39 8.70
CA ARG B 100 -29.57 24.89 7.37
C ARG B 100 -28.82 25.64 6.29
N ARG B 101 -28.59 26.94 6.49
CA ARG B 101 -27.67 27.67 5.64
C ARG B 101 -26.32 26.96 5.57
N VAL B 102 -25.77 26.62 6.73
CA VAL B 102 -24.44 26.01 6.78
C VAL B 102 -24.44 24.67 6.06
N SER B 103 -25.45 23.83 6.31
CA SER B 103 -25.46 22.51 5.70
C SER B 103 -25.70 22.58 4.18
N LEU B 104 -26.40 23.61 3.70
CA LEU B 104 -26.53 23.78 2.25
C LEU B 104 -25.22 24.27 1.64
N GLU B 105 -24.47 25.09 2.37
CA GLU B 105 -23.14 25.50 1.90
C GLU B 105 -22.21 24.30 1.84
N GLN B 106 -22.12 23.55 2.93
CA GLN B 106 -21.25 22.38 2.97
C GLN B 106 -21.63 21.33 1.94
N GLN B 107 -22.93 21.17 1.66
CA GLN B 107 -23.32 20.28 0.58
C GLN B 107 -22.80 20.79 -0.76
N TYR B 108 -22.96 22.11 -1.00
CA TYR B 108 -22.50 22.69 -2.26
C TYR B 108 -21.00 22.48 -2.43
N TRP B 109 -20.23 22.73 -1.36
CA TRP B 109 -18.78 22.58 -1.44
C TRP B 109 -18.40 21.13 -1.68
N LEU B 110 -19.11 20.18 -1.07
CA LEU B 110 -18.78 18.79 -1.36
C LEU B 110 -18.96 18.53 -2.85
N TYR B 111 -20.04 19.06 -3.41
CA TYR B 111 -20.36 18.88 -4.83
C TYR B 111 -19.27 19.45 -5.74
N GLN B 112 -18.83 20.69 -5.48
CA GLN B 112 -17.80 21.30 -6.32
C GLN B 112 -16.44 20.68 -6.09
N LEU B 113 -16.09 20.41 -4.84
CA LEU B 113 -14.78 19.84 -4.55
C LEU B 113 -14.67 18.49 -5.23
N SER B 114 -15.76 17.71 -5.21
CA SER B 114 -15.73 16.43 -5.89
C SER B 114 -15.53 16.62 -7.39
N ARG B 115 -16.17 17.65 -7.97
CA ARG B 115 -15.98 17.88 -9.40
C ARG B 115 -14.53 18.21 -9.71
N GLN B 116 -13.91 19.08 -8.90
CA GLN B 116 -12.52 19.45 -9.16
C GLN B 116 -11.59 18.27 -8.97
N VAL B 117 -11.76 17.49 -7.90
CA VAL B 117 -10.85 16.36 -7.69
C VAL B 117 -10.93 15.39 -8.86
N ASP B 118 -12.16 15.05 -9.28
CA ASP B 118 -12.28 14.12 -10.40
C ASP B 118 -11.64 14.70 -11.66
N GLU B 119 -11.88 16.00 -11.92
CA GLU B 119 -11.31 16.63 -13.11
C GLU B 119 -9.79 16.65 -13.08
N LEU B 120 -9.21 17.00 -11.93
CA LEU B 120 -7.75 17.02 -11.81
C LEU B 120 -7.20 15.61 -11.96
N GLU B 121 -7.88 14.62 -11.39
CA GLU B 121 -7.41 13.25 -11.51
C GLU B 121 -7.36 12.84 -12.98
N HIS B 122 -8.41 13.18 -13.73
CA HIS B 122 -8.42 12.86 -15.16
C HIS B 122 -7.34 13.64 -15.89
N TRP B 123 -7.05 14.84 -15.39
CA TRP B 123 -6.03 15.73 -16.01
C TRP B 123 -4.65 15.14 -15.77
N ILE B 124 -4.36 14.70 -14.55
CA ILE B 124 -3.03 14.09 -14.34
C ILE B 124 -2.92 12.88 -15.27
N ALA B 125 -3.95 12.03 -15.28
CA ALA B 125 -4.01 10.82 -16.14
C ALA B 125 -3.60 11.17 -17.57
N GLU B 126 -4.23 12.19 -18.16
CA GLU B 126 -3.89 12.60 -19.54
C GLU B 126 -2.39 12.89 -19.59
N LYS B 127 -1.91 13.72 -18.67
CA LYS B 127 -0.48 14.06 -18.71
C LYS B 127 0.34 12.79 -18.53
N GLU B 128 0.00 11.96 -17.54
CA GLU B 128 0.78 10.73 -17.24
C GLU B 128 0.97 9.89 -18.49
N VAL B 129 -0.09 9.66 -19.25
CA VAL B 129 -0.03 8.87 -20.51
C VAL B 129 0.98 9.48 -21.47
N VAL B 130 1.03 10.81 -21.59
CA VAL B 130 1.99 11.48 -22.51
C VAL B 130 3.39 11.51 -21.92
N ALA B 131 3.53 11.28 -20.62
CA ALA B 131 4.87 11.32 -19.98
C ALA B 131 5.48 9.93 -20.01
N GLY B 132 4.63 8.90 -19.92
CA GLY B 132 5.05 7.50 -19.88
C GLY B 132 4.99 6.84 -21.24
N SER B 133 5.11 7.64 -22.29
CA SER B 133 5.19 7.19 -23.66
C SER B 133 6.51 6.45 -23.90
N PRO B 134 6.53 5.50 -24.81
CA PRO B 134 7.78 4.77 -25.07
C PRO B 134 8.45 5.13 -26.39
N GLU B 135 7.93 6.12 -27.10
CA GLU B 135 8.54 6.52 -28.36
C GLU B 135 9.88 7.17 -28.07
N LEU B 136 10.92 6.79 -28.83
CA LEU B 136 12.25 7.33 -28.62
C LEU B 136 12.93 7.86 -29.87
N GLY B 137 12.33 7.74 -31.05
CA GLY B 137 12.96 8.25 -32.26
C GLY B 137 13.47 7.21 -33.24
N GLN B 138 13.20 7.41 -34.54
CA GLN B 138 13.85 6.59 -35.57
C GLN B 138 15.14 7.20 -36.11
N ASP B 139 15.26 8.52 -36.17
CA ASP B 139 16.48 9.16 -36.60
C ASP B 139 16.89 10.21 -35.58
N PHE B 140 18.16 10.62 -35.65
CA PHE B 140 18.70 11.57 -34.68
C PHE B 140 17.95 12.91 -34.71
N GLU B 141 17.66 13.43 -35.90
CA GLU B 141 16.99 14.72 -35.96
C GLU B 141 15.63 14.68 -35.28
N HIS B 142 14.86 13.62 -35.53
CA HIS B 142 13.52 13.49 -34.95
C HIS B 142 13.61 13.31 -33.43
N VAL B 143 14.54 12.48 -32.94
CA VAL B 143 14.66 12.31 -31.49
C VAL B 143 15.02 13.65 -30.85
N SER B 144 15.86 14.44 -31.55
CA SER B 144 16.20 15.76 -31.02
C SER B 144 14.96 16.62 -30.90
N VAL B 145 14.07 16.56 -31.90
CA VAL B 145 12.84 17.35 -31.84
C VAL B 145 12.00 16.91 -30.65
N LEU B 146 11.82 15.60 -30.48
CA LEU B 146 11.04 15.13 -29.35
C LEU B 146 11.66 15.56 -28.04
N GLN B 147 12.99 15.51 -27.94
CA GLN B 147 13.66 15.89 -26.70
C GLN B 147 13.36 17.35 -26.36
N GLU B 148 13.47 18.24 -27.36
CA GLU B 148 13.19 19.66 -27.10
C GLU B 148 11.70 19.89 -26.80
N LYS B 149 10.82 19.30 -27.61
CA LYS B 149 9.39 19.52 -27.42
C LYS B 149 8.93 18.96 -26.09
N PHE B 150 9.41 17.76 -25.74
CA PHE B 150 9.03 17.19 -24.45
C PHE B 150 9.58 18.05 -23.34
N SER B 151 10.78 18.61 -23.50
CA SER B 151 11.31 19.47 -22.45
C SER B 151 10.36 20.64 -22.23
N GLU B 152 9.81 21.16 -23.33
CA GLU B 152 8.84 22.25 -23.23
C GLU B 152 7.60 21.77 -22.49
N PHE B 153 7.15 20.54 -22.78
CA PHE B 153 6.00 19.97 -22.08
C PHE B 153 6.29 19.81 -20.59
N ALA B 154 7.52 19.39 -20.27
CA ALA B 154 7.92 19.21 -18.87
C ALA B 154 7.85 20.53 -18.11
N SER B 155 8.31 21.62 -18.73
CA SER B 155 8.24 22.90 -18.04
C SER B 155 6.81 23.41 -17.96
N GLU B 156 6.08 23.38 -19.09
CA GLU B 156 4.73 23.92 -19.12
C GLU B 156 3.81 23.17 -18.17
N THR B 157 3.83 21.83 -18.23
CA THR B 157 3.02 21.04 -17.29
C THR B 157 3.60 21.16 -15.90
N GLY B 158 4.92 21.30 -15.82
CA GLY B 158 5.61 21.35 -14.55
C GLY B 158 5.13 22.50 -13.69
N THR B 159 4.87 23.65 -14.32
CA THR B 159 4.40 24.81 -13.58
C THR B 159 2.89 24.94 -13.61
N ALA B 160 2.28 24.53 -14.72
CA ALA B 160 0.83 24.58 -14.87
C ALA B 160 0.15 23.76 -13.79
N GLY B 161 0.51 22.47 -13.68
CA GLY B 161 -0.09 21.63 -12.66
C GLY B 161 0.06 22.13 -11.23
N ARG B 162 1.13 22.87 -10.93
CA ARG B 162 1.33 23.33 -9.56
C ARG B 162 0.21 24.26 -9.12
N GLU B 163 -0.25 25.15 -10.01
CA GLU B 163 -1.32 26.06 -9.61
C GLU B 163 -2.58 25.28 -9.28
N ARG B 164 -2.92 24.29 -10.11
CA ARG B 164 -4.13 23.51 -9.89
C ARG B 164 -4.03 22.75 -8.58
N LEU B 165 -2.85 22.16 -8.33
CA LEU B 165 -2.64 21.40 -7.10
C LEU B 165 -2.80 22.31 -5.90
N ALA B 166 -2.17 23.49 -5.93
CA ALA B 166 -2.25 24.40 -4.80
C ALA B 166 -3.70 24.83 -4.56
N ALA B 167 -4.45 25.01 -5.65
CA ALA B 167 -5.86 25.41 -5.50
C ALA B 167 -6.66 24.31 -4.82
N VAL B 168 -6.48 23.06 -5.25
CA VAL B 168 -7.26 21.99 -4.66
C VAL B 168 -6.84 21.75 -3.21
N ASN B 169 -5.54 21.75 -2.93
CA ASN B 169 -5.09 21.54 -1.56
C ASN B 169 -5.58 22.65 -0.65
N GLN B 170 -5.51 23.91 -1.08
CA GLN B 170 -6.01 24.96 -0.20
C GLN B 170 -7.51 24.79 0.01
N MET B 171 -8.24 24.43 -1.05
CA MET B 171 -9.69 24.24 -0.93
C MET B 171 -10.02 23.16 0.10
N VAL B 172 -9.15 22.15 0.19
CA VAL B 172 -9.32 21.10 1.18
C VAL B 172 -8.93 21.62 2.55
N ASP B 173 -7.76 22.25 2.66
CA ASP B 173 -7.28 22.79 3.93
C ASP B 173 -8.36 23.65 4.58
N GLU B 174 -9.01 24.48 3.77
CA GLU B 174 -10.11 25.32 4.25
C GLU B 174 -11.30 24.48 4.66
N LEU B 175 -11.81 23.64 3.75
CA LEU B 175 -13.02 22.89 4.10
C LEU B 175 -12.81 21.99 5.31
N ILE B 176 -11.57 21.58 5.60
CA ILE B 176 -11.29 20.85 6.83
C ILE B 176 -11.29 21.81 8.01
N GLU B 177 -10.76 23.03 7.80
CA GLU B 177 -10.73 24.02 8.87
C GLU B 177 -12.15 24.37 9.31
N CYS B 178 -13.07 24.40 8.34
CA CYS B 178 -14.47 24.69 8.64
C CYS B 178 -15.08 23.66 9.58
N GLY B 179 -14.74 22.39 9.38
CA GLY B 179 -15.33 21.34 10.19
C GLY B 179 -16.30 20.48 9.41
N HIS B 180 -16.11 20.42 8.09
CA HIS B 180 -16.99 19.67 7.22
C HIS B 180 -17.13 18.23 7.69
N THR B 181 -18.34 17.69 7.60
CA THR B 181 -18.59 16.33 8.08
C THR B 181 -17.74 15.31 7.31
N ALA B 182 -17.57 15.53 6.01
CA ALA B 182 -16.84 14.61 5.14
C ALA B 182 -15.33 14.85 5.18
N ALA B 183 -14.86 15.65 6.13
CA ALA B 183 -13.44 16.04 6.17
C ALA B 183 -12.52 14.83 6.12
N ALA B 184 -12.91 13.73 6.75
CA ALA B 184 -12.04 12.56 6.77
C ALA B 184 -11.78 12.06 5.36
N THR B 185 -12.85 11.95 4.57
CA THR B 185 -12.67 11.48 3.20
C THR B 185 -11.82 12.49 2.46
N MET B 186 -12.09 13.77 2.69
CA MET B 186 -11.37 14.81 1.94
C MET B 186 -9.88 14.65 2.16
N ALA B 187 -9.48 14.31 3.40
CA ALA B 187 -8.06 14.21 3.68
C ALA B 187 -7.40 13.19 2.77
N GLU B 188 -8.02 12.01 2.62
CA GLU B 188 -7.42 11.02 1.75
C GLU B 188 -7.39 11.55 0.33
N TRP B 189 -8.48 12.23 -0.09
CA TRP B 189 -8.53 12.76 -1.44
C TRP B 189 -7.29 13.59 -1.72
N LYS B 190 -6.92 14.45 -0.77
CA LYS B 190 -5.76 15.30 -0.97
C LYS B 190 -4.51 14.45 -1.07
N ASP B 191 -4.40 13.46 -0.17
CA ASP B 191 -3.23 12.60 -0.18
C ASP B 191 -3.15 11.88 -1.52
N GLY B 192 -4.30 11.54 -2.10
CA GLY B 192 -4.28 10.86 -3.38
C GLY B 192 -3.67 11.75 -4.46
N LEU B 193 -4.08 13.01 -4.50
CA LEU B 193 -3.58 13.92 -5.52
C LEU B 193 -2.10 14.24 -5.31
N ASN B 194 -1.73 14.55 -4.07
CA ASN B 194 -0.36 14.98 -3.78
C ASN B 194 0.66 13.93 -4.18
N GLU B 195 0.36 12.66 -3.91
CA GLU B 195 1.25 11.59 -4.35
C GLU B 195 1.21 11.44 -5.87
N ALA B 196 0.01 11.46 -6.46
CA ALA B 196 -0.08 11.21 -7.90
C ALA B 196 0.66 12.28 -8.67
N TRP B 197 0.51 13.55 -8.25
CA TRP B 197 1.22 14.61 -8.94
C TRP B 197 2.72 14.40 -8.79
N ALA B 198 3.15 14.02 -7.58
CA ALA B 198 4.58 13.84 -7.36
C ALA B 198 5.10 12.76 -8.29
N GLU B 199 4.34 11.68 -8.48
CA GLU B 199 4.80 10.61 -9.34
C GLU B 199 4.97 11.13 -10.77
N LEU B 200 4.01 11.93 -11.23
CA LEU B 200 4.13 12.49 -12.57
C LEU B 200 5.41 13.29 -12.69
N LEU B 201 5.70 14.13 -11.71
CA LEU B 201 6.94 14.90 -11.72
C LEU B 201 8.15 13.97 -11.79
N GLU B 202 8.08 12.83 -11.11
CA GLU B 202 9.16 11.87 -11.20
C GLU B 202 9.16 11.16 -12.54
N LEU B 203 7.96 10.80 -13.03
CA LEU B 203 7.87 10.12 -14.32
C LEU B 203 8.46 10.97 -15.43
N MET B 204 8.02 12.23 -15.52
CA MET B 204 8.55 13.11 -16.54
C MET B 204 10.06 13.25 -16.42
N GLY B 205 10.60 13.10 -15.21
CA GLY B 205 12.05 13.09 -15.09
C GLY B 205 12.66 11.89 -15.78
N THR B 206 12.16 10.69 -15.48
CA THR B 206 12.71 9.49 -16.10
C THR B 206 12.57 9.57 -17.60
N ARG B 207 11.38 9.98 -18.07
CA ARG B 207 11.17 10.08 -19.50
C ARG B 207 12.18 11.04 -20.12
N ALA B 208 12.39 12.19 -19.48
CA ALA B 208 13.36 13.13 -20.02
C ALA B 208 14.74 12.49 -20.02
N GLN B 209 15.04 11.72 -18.98
CA GLN B 209 16.33 11.04 -18.94
C GLN B 209 16.42 10.09 -20.12
N LEU B 210 15.33 9.37 -20.38
CA LEU B 210 15.35 8.38 -21.45
C LEU B 210 15.64 9.07 -22.76
N LEU B 211 15.04 10.24 -22.99
CA LEU B 211 15.26 10.92 -24.25
C LEU B 211 16.72 11.29 -24.39
N ALA B 212 17.31 11.80 -23.30
CA ALA B 212 18.71 12.19 -23.38
C ALA B 212 19.57 10.98 -23.72
N ALA B 213 19.30 9.85 -23.04
CA ALA B 213 20.08 8.65 -23.30
C ALA B 213 19.91 8.20 -24.74
N SER B 214 18.71 8.39 -25.30
CA SER B 214 18.50 8.03 -26.69
C SER B 214 19.31 8.91 -27.62
N ARG B 215 19.38 10.22 -27.33
CA ARG B 215 20.02 11.15 -28.24
C ARG B 215 21.46 10.77 -28.52
N GLU B 216 22.21 10.46 -27.47
CA GLU B 216 23.61 10.14 -27.67
C GLU B 216 23.77 8.91 -28.55
N LEU B 217 22.93 7.89 -28.31
CA LEU B 217 23.07 6.69 -29.14
C LEU B 217 22.82 7.03 -30.60
N HIS B 218 21.79 7.84 -30.86
CA HIS B 218 21.52 8.24 -32.23
C HIS B 218 22.68 9.05 -32.78
N LYS B 219 23.29 9.87 -31.92
CA LYS B 219 24.42 10.68 -32.36
C LYS B 219 25.50 9.76 -32.89
N PHE B 220 25.83 8.70 -32.15
CA PHE B 220 26.80 7.75 -32.67
C PHE B 220 26.34 7.17 -33.99
N PHE B 221 25.07 6.75 -34.05
CA PHE B 221 24.51 6.19 -35.27
C PHE B 221 24.11 7.27 -36.26
N SER B 222 24.48 8.52 -35.97
CA SER B 222 24.58 9.52 -37.01
C SER B 222 25.98 9.48 -37.63
N ASP B 223 27.00 9.69 -36.79
CA ASP B 223 28.36 9.83 -37.31
C ASP B 223 28.80 8.57 -38.03
N ALA B 224 28.42 7.40 -37.51
CA ALA B 224 28.81 6.15 -38.14
C ALA B 224 28.36 6.15 -39.59
N ARG B 225 27.13 6.59 -39.85
CA ARG B 225 26.67 6.71 -41.22
C ARG B 225 27.34 7.91 -41.91
N GLU B 226 27.37 9.06 -41.23
CA GLU B 226 27.91 10.27 -41.86
C GLU B 226 29.42 10.20 -42.05
N LEU B 227 30.18 9.84 -41.01
CA LEU B 227 31.64 9.82 -41.16
C LEU B 227 32.07 8.75 -42.16
N GLN B 228 31.43 7.58 -42.14
CA GLN B 228 31.79 6.56 -43.11
C GLN B 228 31.56 7.09 -44.52
N GLY B 229 30.56 7.97 -44.68
CA GLY B 229 30.33 8.55 -45.99
C GLY B 229 31.51 9.38 -46.46
N GLN B 230 32.09 10.15 -45.54
CA GLN B 230 33.23 10.96 -45.94
C GLN B 230 34.42 10.08 -46.29
N ILE B 231 34.36 8.80 -45.90
CA ILE B 231 35.42 7.87 -46.24
C ILE B 231 35.48 7.73 -47.77
N GLU B 232 34.31 7.71 -48.42
CA GLU B 232 34.30 7.57 -49.86
C GLU B 232 35.04 8.72 -50.51
N GLU B 233 35.06 9.89 -49.86
CA GLU B 233 35.75 11.05 -50.41
C GLU B 233 37.21 10.70 -50.67
N LYS B 234 37.78 9.85 -49.81
CA LYS B 234 39.17 9.45 -49.93
C LYS B 234 39.45 8.85 -51.31
N ARG B 235 38.49 8.14 -51.88
CA ARG B 235 38.68 7.56 -53.21
C ARG B 235 39.09 8.61 -54.23
N ARG B 236 38.66 9.86 -54.04
CA ARG B 236 39.03 10.94 -54.94
C ARG B 236 40.53 11.13 -54.97
N ARG B 237 41.20 10.86 -53.86
CA ARG B 237 42.65 11.02 -53.77
C ARG B 237 43.36 10.15 -54.80
N LEU B 238 42.84 8.94 -55.07
CA LEU B 238 43.57 8.06 -55.99
C LEU B 238 43.79 8.67 -57.36
N PRO B 239 42.79 9.22 -58.07
CA PRO B 239 43.10 9.87 -59.34
C PRO B 239 43.89 11.15 -59.19
N ARG B 240 43.56 11.97 -58.18
CA ARG B 240 44.24 13.23 -57.97
C ARG B 240 45.14 13.17 -56.73
N ALA B 251 51.69 21.59 -61.68
CA ALA B 251 50.25 21.69 -61.46
C ALA B 251 49.94 22.55 -60.24
N SER B 252 49.93 23.88 -60.44
CA SER B 252 49.67 24.80 -59.35
C SER B 252 48.25 24.64 -58.81
N SER B 253 47.28 24.48 -59.70
CA SER B 253 45.90 24.29 -59.25
C SER B 253 45.79 23.01 -58.43
N MET B 254 46.44 21.95 -58.90
CA MET B 254 46.41 20.69 -58.17
C MET B 254 47.07 20.87 -56.80
N GLN B 255 48.11 21.70 -56.73
CA GLN B 255 48.76 21.96 -55.46
C GLN B 255 47.80 22.66 -54.50
N ARG B 256 47.06 23.65 -54.98
CA ARG B 256 46.09 24.33 -54.12
C ARG B 256 45.02 23.37 -53.62
N THR B 257 44.49 22.54 -54.53
CA THR B 257 43.49 21.57 -54.11
C THR B 257 44.08 20.59 -53.10
N LEU B 258 45.33 20.17 -53.31
CA LEU B 258 45.97 19.23 -52.39
C LEU B 258 46.12 19.86 -51.00
N ARG B 259 46.48 21.14 -50.95
CA ARG B 259 46.60 21.81 -49.65
C ARG B 259 45.25 21.82 -48.95
N ALA B 260 44.19 22.16 -49.70
CA ALA B 260 42.86 22.18 -49.11
C ALA B 260 42.50 20.79 -48.60
N PHE B 261 42.83 19.76 -49.39
CA PHE B 261 42.52 18.38 -49.03
C PHE B 261 43.22 18.01 -47.74
N GLU B 262 44.50 18.41 -47.59
CA GLU B 262 45.23 18.10 -46.36
C GLU B 262 44.57 18.79 -45.18
N HIS B 263 44.10 20.03 -45.38
CA HIS B 263 43.39 20.70 -44.30
C HIS B 263 42.11 19.95 -43.96
N ASP B 264 41.44 19.39 -44.97
CA ASP B 264 40.23 18.60 -44.74
C ASP B 264 40.57 17.37 -43.92
N LEU B 265 41.75 16.79 -44.14
CA LEU B 265 42.16 15.64 -43.35
C LEU B 265 42.35 16.06 -41.90
N GLN B 266 42.93 17.25 -41.69
CA GLN B 266 43.09 17.73 -40.32
C GLN B 266 41.73 17.87 -39.66
N LEU B 267 40.76 18.46 -40.37
CA LEU B 267 39.38 18.48 -39.87
C LEU B 267 38.99 17.09 -39.40
N LEU B 268 38.89 16.16 -40.36
CA LEU B 268 38.50 14.77 -40.12
C LEU B 268 39.07 14.16 -38.84
N VAL B 269 40.34 14.43 -38.53
CA VAL B 269 40.95 13.78 -37.37
C VAL B 269 40.20 14.14 -36.09
N SER B 270 39.82 15.40 -35.94
CA SER B 270 39.10 15.81 -34.75
C SER B 270 37.73 15.14 -34.68
N GLN B 271 37.05 15.02 -35.82
CA GLN B 271 35.74 14.38 -35.86
C GLN B 271 35.83 12.91 -35.46
N VAL B 272 36.81 12.19 -35.99
CA VAL B 272 36.92 10.77 -35.65
C VAL B 272 37.31 10.61 -34.18
N ARG B 273 38.23 11.45 -33.67
CA ARG B 273 38.61 11.33 -32.27
C ARG B 273 37.42 11.61 -31.35
N GLN B 274 36.63 12.64 -31.68
CA GLN B 274 35.46 12.97 -30.87
C GLN B 274 34.43 11.85 -30.96
N LEU B 275 34.31 11.22 -32.13
CA LEU B 275 33.32 10.16 -32.29
C LEU B 275 33.73 8.93 -31.49
N GLN B 276 35.01 8.55 -31.54
CA GLN B 276 35.45 7.39 -30.79
C GLN B 276 35.27 7.62 -29.30
N GLU B 277 35.65 8.81 -28.82
CA GLU B 277 35.49 9.09 -27.39
C GLU B 277 34.02 9.05 -27.02
N GLY B 278 33.15 9.57 -27.90
CA GLY B 278 31.73 9.50 -27.62
C GLY B 278 31.26 8.06 -27.56
N ALA B 279 31.78 7.23 -28.46
CA ALA B 279 31.42 5.82 -28.51
C ALA B 279 31.80 5.10 -27.23
N ALA B 280 32.85 5.55 -26.56
CA ALA B 280 33.28 4.86 -25.34
C ALA B 280 32.17 4.84 -24.29
N GLN B 281 31.45 5.95 -24.14
CA GLN B 281 30.39 6.04 -23.13
C GLN B 281 29.30 5.00 -23.36
N LEU B 282 28.98 4.72 -24.63
CA LEU B 282 27.93 3.75 -24.92
C LEU B 282 28.28 2.38 -24.38
N ARG B 283 29.56 2.00 -24.45
CA ARG B 283 29.93 0.68 -23.92
C ARG B 283 29.61 0.60 -22.44
N THR B 284 29.87 1.70 -21.71
CA THR B 284 29.55 1.74 -20.28
C THR B 284 28.06 1.64 -20.06
N VAL B 285 27.25 2.30 -20.92
CA VAL B 285 25.81 2.34 -20.72
C VAL B 285 25.05 1.19 -21.40
N TYR B 286 25.69 0.43 -22.29
CA TYR B 286 25.01 -0.67 -22.98
C TYR B 286 25.74 -1.98 -22.80
N ALA B 287 25.01 -3.08 -22.99
CA ALA B 287 25.56 -4.42 -22.85
C ALA B 287 24.97 -5.34 -23.91
N GLY B 288 25.65 -6.47 -24.11
CA GLY B 288 25.12 -7.55 -24.93
C GLY B 288 24.93 -7.17 -26.38
N GLU B 289 23.72 -7.40 -26.89
CA GLU B 289 23.41 -7.12 -28.29
C GLU B 289 23.73 -5.68 -28.67
N HIS B 290 23.45 -4.74 -27.76
CA HIS B 290 23.58 -3.33 -28.10
C HIS B 290 25.05 -2.93 -28.07
N ALA B 291 25.74 -3.28 -26.99
CA ALA B 291 27.19 -3.06 -26.91
C ALA B 291 27.87 -3.60 -28.17
N GLU B 292 27.67 -4.89 -28.43
CA GLU B 292 28.23 -5.54 -29.62
C GLU B 292 27.93 -4.74 -30.89
N ALA B 293 26.69 -4.27 -31.06
CA ALA B 293 26.42 -3.47 -32.26
C ALA B 293 27.13 -2.12 -32.24
N ILE B 294 27.47 -1.60 -31.06
CA ILE B 294 28.17 -0.32 -30.98
C ILE B 294 29.63 -0.49 -31.36
N ALA B 295 30.35 -1.36 -30.65
CA ALA B 295 31.72 -1.64 -31.06
C ALA B 295 31.78 -2.21 -32.48
N SER B 296 30.66 -2.76 -32.96
CA SER B 296 30.54 -3.14 -34.37
C SER B 296 30.69 -1.93 -35.29
N ARG B 297 29.76 -0.97 -35.19
CA ARG B 297 29.87 0.18 -36.10
C ARG B 297 31.13 1.00 -35.80
N GLU B 298 31.60 0.97 -34.55
CA GLU B 298 32.85 1.60 -34.15
C GLU B 298 34.04 0.84 -34.66
N GLN B 299 33.83 -0.37 -35.19
CA GLN B 299 34.86 -1.16 -35.81
C GLN B 299 34.88 -0.86 -37.31
N GLU B 300 33.69 -0.73 -37.91
CA GLU B 300 33.61 -0.43 -39.33
C GLU B 300 34.23 0.93 -39.63
N VAL B 301 33.85 1.96 -38.86
CA VAL B 301 34.40 3.29 -39.10
C VAL B 301 35.91 3.27 -38.90
N LEU B 302 36.38 2.59 -37.85
CA LEU B 302 37.82 2.53 -37.60
C LEU B 302 38.53 1.81 -38.74
N GLN B 303 37.90 0.80 -39.34
CA GLN B 303 38.51 0.13 -40.47
C GLN B 303 38.68 1.12 -41.61
N GLY B 304 37.66 1.96 -41.84
CA GLY B 304 37.78 2.97 -42.87
C GLY B 304 38.93 3.90 -42.56
N TRP B 305 39.08 4.24 -41.27
CA TRP B 305 40.18 5.07 -40.81
C TRP B 305 41.51 4.44 -41.20
N LYS B 306 41.65 3.14 -40.97
CA LYS B 306 42.92 2.46 -41.26
C LYS B 306 43.23 2.47 -42.74
N GLU B 307 42.25 2.13 -43.59
CA GLU B 307 42.53 2.10 -45.03
C GLU B 307 42.80 3.50 -45.56
N LEU B 308 42.00 4.49 -45.13
CA LEU B 308 42.19 5.85 -45.62
C LEU B 308 43.54 6.40 -45.16
N LEU B 309 43.90 6.14 -43.91
CA LEU B 309 45.18 6.62 -43.39
C LEU B 309 46.33 5.95 -44.13
N ALA B 310 46.20 4.67 -44.45
CA ALA B 310 47.25 3.98 -45.19
C ALA B 310 47.43 4.63 -46.56
N ALA B 311 46.33 4.92 -47.25
CA ALA B 311 46.43 5.54 -48.56
C ALA B 311 47.06 6.93 -48.46
N CYS B 312 46.67 7.71 -47.44
CA CYS B 312 47.26 9.03 -47.24
C CYS B 312 48.75 8.92 -46.94
N GLU B 313 49.14 7.89 -46.20
CA GLU B 313 50.55 7.66 -45.90
C GLU B 313 51.32 7.37 -47.17
N ASP B 314 50.72 6.63 -48.10
CA ASP B 314 51.40 6.31 -49.36
C ASP B 314 51.78 7.59 -50.11
N ALA B 315 50.89 8.58 -50.12
CA ALA B 315 51.14 9.85 -50.80
C ALA B 315 52.47 10.47 -50.38
#